data_8B8I
#
_entry.id   8B8I
#
_cell.length_a   87.955
_cell.length_b   100.226
_cell.length_c   103.939
_cell.angle_alpha   90.000
_cell.angle_beta   100.832
_cell.angle_gamma   90.000
#
_symmetry.space_group_name_H-M   'P 1 21 1'
#
loop_
_entity.id
_entity.type
_entity.pdbx_description
1 polymer 'Nanobody (NbLumSyt1)'
2 polymer Synaptotagmin-1
3 water water
#
loop_
_entity_poly.entity_id
_entity_poly.type
_entity_poly.pdbx_seq_one_letter_code
_entity_poly.pdbx_strand_id
1 'polypeptide(L)'
;MEVQLVESGGGLVQTGGSLRLSCTASGSIGSISVMGWYRQVPGTQYELVAGISRGGSTWYEDSVKGRFTISRDNAKNTLY
LQMNSLKPEDTGMYYCAGGDYSDRLGSWGQGTQVTVSS
;
A,B,C,D,E,F,G,H
2 'polypeptide(L)' MVSESHHEALAAPPVTTVATVLPSNATEPASPGEGKEDAFSKLKEKFMNELHKIPLPPWA I,J,K,L,M,N,O,P
#
# COMPACT_ATOMS: atom_id res chain seq x y z
N MET A 1 -5.54 -12.43 -21.88
CA MET A 1 -4.99 -12.04 -23.21
C MET A 1 -3.49 -11.77 -23.11
N GLU A 2 -2.86 -12.22 -22.02
CA GLU A 2 -1.46 -11.95 -21.73
C GLU A 2 -1.22 -10.45 -21.53
N VAL A 3 -2.04 -9.85 -20.65
CA VAL A 3 -1.98 -8.45 -20.25
C VAL A 3 -2.22 -8.40 -18.73
N GLN A 4 -1.50 -7.49 -18.05
CA GLN A 4 -1.62 -7.30 -16.60
C GLN A 4 -2.65 -6.21 -16.33
N LEU A 5 -3.51 -6.44 -15.31
CA LEU A 5 -4.61 -5.54 -14.95
C LEU A 5 -4.50 -5.17 -13.47
N VAL A 6 -4.70 -3.88 -13.15
CA VAL A 6 -4.61 -3.45 -11.77
C VAL A 6 -5.75 -2.48 -11.44
N GLU A 7 -6.60 -2.89 -10.48
CA GLU A 7 -7.79 -2.14 -10.11
C GLU A 7 -7.44 -1.13 -9.02
N SER A 8 -8.25 -0.07 -8.94
CA SER A 8 -8.12 0.93 -7.88
C SER A 8 -9.43 1.71 -7.77
N GLY A 9 -9.49 2.67 -6.84
CA GLY A 9 -10.59 3.61 -6.73
C GLY A 9 -11.64 3.22 -5.69
N GLY A 10 -11.45 2.04 -5.07
CA GLY A 10 -12.33 1.57 -4.01
C GLY A 10 -12.09 2.34 -2.71
N GLY A 11 -12.90 2.01 -1.69
CA GLY A 11 -12.84 2.68 -0.39
C GLY A 11 -14.12 2.49 0.42
N LEU A 12 -14.26 3.28 1.49
CA LEU A 12 -15.39 3.21 2.40
C LEU A 12 -16.28 4.44 2.21
N VAL A 13 -17.56 4.22 1.86
CA VAL A 13 -18.49 5.33 1.69
C VAL A 13 -19.82 5.01 2.36
N GLN A 14 -20.50 6.08 2.80
CA GLN A 14 -21.83 6.05 3.36
C GLN A 14 -22.82 5.56 2.30
N THR A 15 -23.83 4.78 2.73
CA THR A 15 -24.90 4.36 1.84
C THR A 15 -25.45 5.58 1.08
N GLY A 16 -25.66 5.40 -0.24
CA GLY A 16 -26.16 6.46 -1.09
C GLY A 16 -25.04 7.25 -1.77
N GLY A 17 -23.81 7.14 -1.25
CA GLY A 17 -22.65 7.79 -1.81
C GLY A 17 -22.22 7.17 -3.14
N SER A 18 -21.14 7.71 -3.71
CA SER A 18 -20.59 7.27 -4.98
C SER A 18 -19.10 7.00 -4.82
N LEU A 19 -18.54 6.18 -5.72
CA LEU A 19 -17.12 6.23 -6.03
C LEU A 19 -16.89 5.67 -7.43
N ARG A 20 -15.65 5.70 -7.93
CA ARG A 20 -15.34 5.29 -9.29
C ARG A 20 -14.12 4.39 -9.32
N LEU A 21 -14.27 3.20 -9.90
CA LEU A 21 -13.21 2.21 -10.02
C LEU A 21 -12.45 2.42 -11.33
N SER A 22 -11.13 2.21 -11.29
CA SER A 22 -10.28 2.20 -12.46
C SER A 22 -9.52 0.89 -12.51
N CYS A 23 -9.19 0.43 -13.73
CA CYS A 23 -8.41 -0.79 -13.94
C CYS A 23 -7.56 -0.55 -15.17
N THR A 24 -6.25 -0.36 -14.97
CA THR A 24 -5.36 -0.04 -16.08
C THR A 24 -4.64 -1.31 -16.55
N ALA A 25 -4.39 -1.35 -17.86
CA ALA A 25 -3.83 -2.50 -18.53
C ALA A 25 -2.41 -2.19 -18.99
N SER A 26 -1.53 -3.21 -18.89
CA SER A 26 -0.18 -3.14 -19.42
C SER A 26 -0.21 -3.16 -20.95
N GLY A 27 -1.22 -3.83 -21.52
CA GLY A 27 -1.42 -3.89 -22.96
C GLY A 27 -2.49 -2.91 -23.45
N SER A 28 -2.66 -2.83 -24.77
CA SER A 28 -3.69 -1.99 -25.36
C SER A 28 -5.07 -2.57 -25.04
N ILE A 29 -5.90 -1.76 -24.37
CA ILE A 29 -7.16 -2.18 -23.79
C ILE A 29 -8.22 -2.29 -24.88
N GLY A 30 -8.13 -1.42 -25.88
CA GLY A 30 -9.11 -1.36 -26.96
C GLY A 30 -9.16 -2.65 -27.78
N SER A 31 -8.10 -3.47 -27.69
CA SER A 31 -7.98 -4.69 -28.47
C SER A 31 -8.32 -5.95 -27.64
N ILE A 32 -9.03 -5.77 -26.52
CA ILE A 32 -9.49 -6.90 -25.72
C ILE A 32 -10.99 -7.12 -26.00
N SER A 33 -11.36 -8.37 -26.32
CA SER A 33 -12.67 -8.68 -26.84
C SER A 33 -13.75 -8.32 -25.81
N VAL A 34 -13.60 -8.88 -24.60
CA VAL A 34 -14.55 -8.62 -23.53
C VAL A 34 -13.77 -8.21 -22.28
N MET A 35 -14.37 -7.28 -21.53
CA MET A 35 -13.89 -6.94 -20.21
C MET A 35 -15.08 -6.66 -19.30
N GLY A 36 -14.88 -6.77 -17.98
CA GLY A 36 -15.96 -6.56 -17.04
C GLY A 36 -15.52 -6.56 -15.58
N TRP A 37 -16.44 -6.08 -14.72
CA TRP A 37 -16.20 -5.92 -13.29
C TRP A 37 -17.00 -6.95 -12.50
N TYR A 38 -16.33 -7.64 -11.59
CA TYR A 38 -16.98 -8.63 -10.74
C TYR A 38 -16.90 -8.18 -9.29
N ARG A 39 -18.01 -8.37 -8.56
CA ARG A 39 -18.08 -8.19 -7.12
C ARG A 39 -17.98 -9.57 -6.49
N GLN A 40 -17.22 -9.70 -5.40
CA GLN A 40 -17.15 -10.97 -4.68
C GLN A 40 -17.03 -10.72 -3.19
N VAL A 41 -17.83 -11.46 -2.39
CA VAL A 41 -17.65 -11.54 -0.95
C VAL A 41 -17.29 -12.99 -0.60
N PRO A 42 -16.72 -13.27 0.59
CA PRO A 42 -16.45 -14.65 1.00
C PRO A 42 -17.69 -15.56 0.94
N GLY A 43 -17.49 -16.72 0.28
CA GLY A 43 -18.53 -17.74 0.15
C GLY A 43 -19.48 -17.51 -1.03
N THR A 44 -19.17 -16.53 -1.89
CA THR A 44 -20.01 -16.21 -3.04
C THR A 44 -19.13 -16.05 -4.29
N GLN A 45 -19.54 -16.72 -5.37
CA GLN A 45 -18.83 -16.73 -6.64
C GLN A 45 -18.81 -15.32 -7.23
N TYR A 46 -17.65 -14.95 -7.79
CA TYR A 46 -17.52 -13.71 -8.55
C TYR A 46 -18.83 -13.43 -9.29
N GLU A 47 -19.53 -12.36 -8.91
CA GLU A 47 -20.73 -11.93 -9.61
C GLU A 47 -20.37 -10.85 -10.64
N LEU A 48 -20.70 -11.07 -11.92
CA LEU A 48 -20.49 -10.05 -12.93
C LEU A 48 -21.50 -8.91 -12.75
N VAL A 49 -20.95 -7.72 -12.52
CA VAL A 49 -21.71 -6.51 -12.26
C VAL A 49 -21.97 -5.77 -13.58
N ALA A 50 -20.94 -5.69 -14.42
CA ALA A 50 -21.00 -4.96 -15.67
C ALA A 50 -19.91 -5.46 -16.61
N GLY A 51 -20.21 -5.46 -17.92
CA GLY A 51 -19.31 -5.94 -18.95
C GLY A 51 -19.30 -4.99 -20.15
N ILE A 52 -18.23 -5.06 -20.95
CA ILE A 52 -18.09 -4.22 -22.13
C ILE A 52 -17.33 -4.98 -23.21
N SER A 53 -17.93 -4.99 -24.42
CA SER A 53 -17.36 -5.64 -25.58
C SER A 53 -16.34 -4.71 -26.24
N ARG A 54 -15.47 -5.29 -27.07
CA ARG A 54 -14.49 -4.55 -27.84
C ARG A 54 -15.18 -3.52 -28.74
N GLY A 55 -16.38 -3.84 -29.23
CA GLY A 55 -17.18 -2.96 -30.06
C GLY A 55 -17.65 -1.70 -29.31
N GLY A 56 -17.93 -1.84 -28.02
CA GLY A 56 -18.47 -0.76 -27.21
C GLY A 56 -19.78 -1.13 -26.50
N SER A 57 -20.27 -2.36 -26.78
CA SER A 57 -21.49 -2.85 -26.15
C SER A 57 -21.25 -2.98 -24.66
N THR A 58 -22.30 -2.74 -23.87
CA THR A 58 -22.23 -2.83 -22.42
C THR A 58 -23.34 -3.74 -21.89
N TRP A 59 -23.06 -4.43 -20.79
CA TRP A 59 -24.06 -5.21 -20.07
C TRP A 59 -24.02 -4.84 -18.58
N TYR A 60 -25.17 -4.96 -17.91
CA TYR A 60 -25.32 -4.63 -16.50
C TYR A 60 -26.24 -5.61 -15.79
N GLU A 61 -25.80 -6.12 -14.63
CA GLU A 61 -26.67 -6.84 -13.72
C GLU A 61 -27.87 -5.94 -13.43
N ASP A 62 -29.02 -6.52 -13.11
CA ASP A 62 -30.24 -5.73 -12.94
C ASP A 62 -30.10 -4.84 -11.71
N SER A 63 -29.55 -5.39 -10.63
CA SER A 63 -29.37 -4.71 -9.36
C SER A 63 -28.76 -3.31 -9.58
N VAL A 64 -27.78 -3.25 -10.49
CA VAL A 64 -26.91 -2.08 -10.63
C VAL A 64 -27.35 -1.21 -11.81
N LYS A 65 -28.38 -1.61 -12.57
CA LYS A 65 -28.83 -0.86 -13.72
C LYS A 65 -29.24 0.54 -13.28
N GLY A 66 -28.78 1.56 -14.03
CA GLY A 66 -29.13 2.95 -13.76
C GLY A 66 -28.25 3.63 -12.71
N ARG A 67 -27.39 2.84 -12.03
CA ARG A 67 -26.57 3.33 -10.93
C ARG A 67 -25.10 3.25 -11.30
N PHE A 68 -24.66 2.09 -11.80
CA PHE A 68 -23.29 1.87 -12.23
C PHE A 68 -23.16 2.14 -13.72
N THR A 69 -21.93 2.51 -14.16
CA THR A 69 -21.67 2.89 -15.54
C THR A 69 -20.25 2.51 -15.93
N ILE A 70 -20.13 1.40 -16.67
CA ILE A 70 -18.84 0.92 -17.17
C ILE A 70 -18.48 1.76 -18.41
N SER A 71 -17.18 2.07 -18.53
CA SER A 71 -16.65 2.74 -19.70
C SER A 71 -15.17 2.38 -19.88
N ARG A 72 -14.63 2.68 -21.06
CA ARG A 72 -13.24 2.44 -21.36
C ARG A 72 -12.64 3.66 -22.07
N ASP A 73 -11.37 3.95 -21.76
CA ASP A 73 -10.61 5.01 -22.39
C ASP A 73 -9.36 4.37 -23.00
N ASN A 74 -9.47 3.92 -24.25
CA ASN A 74 -8.41 3.19 -24.94
C ASN A 74 -7.18 4.07 -25.07
N ALA A 75 -7.41 5.38 -25.16
CA ALA A 75 -6.34 6.38 -25.14
C ALA A 75 -5.43 6.15 -23.94
N LYS A 76 -6.03 6.12 -22.74
CA LYS A 76 -5.31 6.04 -21.48
C LYS A 76 -5.28 4.61 -20.93
N ASN A 77 -5.60 3.62 -21.78
CA ASN A 77 -5.55 2.19 -21.47
C ASN A 77 -6.16 1.89 -20.09
N THR A 78 -7.37 2.44 -19.82
CA THR A 78 -8.02 2.30 -18.52
C THR A 78 -9.51 2.01 -18.66
N LEU A 79 -10.01 1.12 -17.79
CA LEU A 79 -11.41 0.76 -17.70
C LEU A 79 -11.96 1.29 -16.38
N TYR A 80 -13.21 1.79 -16.43
CA TYR A 80 -13.82 2.48 -15.31
C TYR A 80 -15.14 1.84 -14.92
N LEU A 81 -15.52 1.93 -13.64
CA LEU A 81 -16.88 1.66 -13.19
C LEU A 81 -17.35 2.78 -12.27
N GLN A 82 -18.21 3.65 -12.79
CA GLN A 82 -18.78 4.75 -12.02
C GLN A 82 -19.98 4.25 -11.23
N MET A 83 -19.84 4.20 -9.90
CA MET A 83 -20.82 3.64 -8.99
C MET A 83 -21.58 4.76 -8.26
N ASN A 84 -22.90 4.81 -8.43
CA ASN A 84 -23.73 5.80 -7.74
C ASN A 84 -24.80 5.12 -6.88
N SER A 85 -25.31 5.89 -5.91
CA SER A 85 -26.43 5.48 -5.07
C SER A 85 -26.12 4.14 -4.42
N LEU A 86 -24.94 4.04 -3.81
CA LEU A 86 -24.41 2.77 -3.34
C LEU A 86 -25.26 2.24 -2.18
N LYS A 87 -25.60 0.96 -2.24
CA LYS A 87 -26.26 0.24 -1.17
C LYS A 87 -25.21 -0.55 -0.40
N PRO A 88 -25.50 -1.00 0.84
CA PRO A 88 -24.67 -2.00 1.52
C PRO A 88 -24.52 -3.32 0.76
N GLU A 89 -25.55 -3.68 -0.02
CA GLU A 89 -25.52 -4.89 -0.83
C GLU A 89 -24.38 -4.83 -1.84
N ASP A 90 -23.90 -3.63 -2.19
CA ASP A 90 -22.81 -3.45 -3.14
C ASP A 90 -21.45 -3.66 -2.49
N THR A 91 -21.40 -3.78 -1.16
CA THR A 91 -20.18 -4.10 -0.46
C THR A 91 -19.58 -5.39 -1.03
N GLY A 92 -18.25 -5.39 -1.15
CA GLY A 92 -17.51 -6.54 -1.64
C GLY A 92 -16.22 -6.10 -2.33
N MET A 93 -15.36 -7.08 -2.62
CA MET A 93 -14.11 -6.86 -3.31
C MET A 93 -14.40 -6.89 -4.81
N TYR A 94 -14.02 -5.81 -5.51
CA TYR A 94 -14.31 -5.66 -6.92
C TYR A 94 -13.06 -5.94 -7.74
N TYR A 95 -13.20 -6.91 -8.66
CA TYR A 95 -12.18 -7.27 -9.61
C TYR A 95 -12.60 -6.83 -11.02
N CYS A 96 -11.60 -6.52 -11.85
CA CYS A 96 -11.77 -6.33 -13.28
C CYS A 96 -11.03 -7.46 -13.98
N ALA A 97 -11.56 -7.90 -15.12
CA ALA A 97 -11.05 -9.07 -15.83
C ALA A 97 -11.45 -8.99 -17.30
N GLY A 98 -10.55 -9.45 -18.18
CA GLY A 98 -10.75 -9.40 -19.61
C GLY A 98 -9.89 -10.41 -20.38
N GLY A 99 -10.23 -10.56 -21.67
CA GLY A 99 -9.59 -11.52 -22.55
C GLY A 99 -10.35 -11.67 -23.86
N ASP A 100 -9.88 -12.56 -24.73
CA ASP A 100 -10.60 -12.97 -25.92
C ASP A 100 -11.16 -14.37 -25.66
N TYR A 101 -12.05 -14.82 -26.57
CA TYR A 101 -12.87 -16.00 -26.38
C TYR A 101 -12.04 -17.28 -26.39
N SER A 102 -10.78 -17.21 -26.84
CA SER A 102 -9.86 -18.32 -26.75
C SER A 102 -9.31 -18.51 -25.33
N ASP A 103 -9.41 -17.45 -24.50
CA ASP A 103 -8.84 -17.47 -23.15
C ASP A 103 -9.78 -18.20 -22.20
N ARG A 104 -9.22 -19.07 -21.37
CA ARG A 104 -10.00 -19.94 -20.49
C ARG A 104 -10.41 -19.19 -19.22
N LEU A 105 -9.43 -18.49 -18.60
CA LEU A 105 -9.64 -17.67 -17.42
C LEU A 105 -9.78 -16.17 -17.78
N GLY A 106 -8.85 -15.66 -18.59
CA GLY A 106 -8.68 -14.23 -18.79
C GLY A 106 -7.71 -13.65 -17.77
N SER A 107 -7.30 -12.39 -17.99
CA SER A 107 -6.50 -11.66 -17.02
C SER A 107 -7.43 -11.06 -15.98
N TRP A 108 -7.04 -11.16 -14.69
CA TRP A 108 -7.84 -10.61 -13.61
C TRP A 108 -7.15 -9.39 -13.02
N GLY A 109 -6.58 -9.50 -11.82
CA GLY A 109 -6.20 -8.31 -11.08
C GLY A 109 -6.49 -8.53 -9.60
N GLN A 110 -5.72 -7.86 -8.73
CA GLN A 110 -5.75 -8.15 -7.31
C GLN A 110 -7.09 -7.71 -6.68
N GLY A 111 -7.76 -6.73 -7.29
CA GLY A 111 -9.06 -6.28 -6.85
C GLY A 111 -8.97 -5.04 -5.98
N THR A 112 -10.13 -4.41 -5.71
CA THR A 112 -10.21 -3.20 -4.92
C THR A 112 -11.47 -3.26 -4.05
N GLN A 113 -11.31 -3.02 -2.74
CA GLN A 113 -12.38 -3.22 -1.76
C GLN A 113 -13.33 -2.03 -1.78
N VAL A 114 -14.64 -2.32 -1.92
CA VAL A 114 -15.70 -1.33 -1.78
C VAL A 114 -16.54 -1.70 -0.56
N THR A 115 -16.53 -0.84 0.46
CA THR A 115 -17.34 -1.01 1.65
C THR A 115 -18.37 0.13 1.70
N VAL A 116 -19.63 -0.22 1.95
CA VAL A 116 -20.74 0.73 1.98
C VAL A 116 -21.55 0.53 3.27
N SER A 117 -21.41 1.46 4.22
CA SER A 117 -22.03 1.34 5.52
C SER A 117 -22.68 2.67 5.89
N SER A 118 -23.74 2.60 6.71
CA SER A 118 -24.43 3.78 7.21
C SER A 118 -24.72 3.62 8.70
N MET B 1 3.71 17.85 17.24
CA MET B 1 3.20 18.33 18.57
C MET B 1 2.40 17.20 19.24
N GLU B 2 1.07 17.24 19.09
CA GLU B 2 0.20 16.08 19.28
C GLU B 2 -0.64 15.86 18.02
N VAL B 3 0.08 15.62 16.90
CA VAL B 3 -0.45 15.64 15.56
C VAL B 3 0.16 14.47 14.77
N GLN B 4 -0.64 13.83 13.91
CA GLN B 4 -0.20 12.72 13.06
C GLN B 4 0.29 13.29 11.72
N LEU B 5 1.42 12.74 11.24
CA LEU B 5 2.06 13.16 10.00
C LEU B 5 2.24 11.97 9.06
N VAL B 6 1.95 12.17 7.77
CA VAL B 6 2.06 11.06 6.82
C VAL B 6 2.70 11.55 5.52
N GLU B 7 3.88 10.98 5.21
CA GLU B 7 4.68 11.40 4.06
C GLU B 7 4.26 10.61 2.83
N SER B 8 4.50 11.21 1.65
CA SER B 8 4.25 10.55 0.38
C SER B 8 5.06 11.24 -0.72
N GLY B 9 4.95 10.74 -1.95
CA GLY B 9 5.51 11.40 -3.13
C GLY B 9 6.87 10.85 -3.56
N GLY B 10 7.41 9.91 -2.77
CA GLY B 10 8.68 9.26 -3.08
C GLY B 10 8.53 8.27 -4.23
N GLY B 11 9.66 7.68 -4.64
CA GLY B 11 9.69 6.72 -5.74
C GLY B 11 11.09 6.49 -6.29
N LEU B 12 11.17 5.85 -7.47
CA LEU B 12 12.44 5.54 -8.12
C LEU B 12 12.59 6.44 -9.35
N VAL B 13 13.67 7.23 -9.38
CA VAL B 13 13.88 8.18 -10.47
C VAL B 13 15.36 8.14 -10.90
N GLN B 14 15.59 8.40 -12.20
CA GLN B 14 16.93 8.38 -12.76
C GLN B 14 17.68 9.60 -12.24
N THR B 15 19.00 9.47 -12.07
CA THR B 15 19.86 10.56 -11.65
C THR B 15 19.56 11.81 -12.50
N GLY B 16 19.45 12.97 -11.84
CA GLY B 16 19.16 14.22 -12.50
C GLY B 16 17.66 14.54 -12.54
N GLY B 17 16.84 13.52 -12.33
CA GLY B 17 15.39 13.69 -12.28
C GLY B 17 14.93 14.44 -11.04
N SER B 18 13.61 14.60 -10.93
CA SER B 18 12.96 15.32 -9.85
C SER B 18 11.85 14.44 -9.26
N LEU B 19 11.47 14.73 -8.01
CA LEU B 19 10.16 14.37 -7.50
C LEU B 19 9.80 15.31 -6.36
N ARG B 20 8.57 15.20 -5.83
CA ARG B 20 8.10 16.13 -4.80
C ARG B 20 7.42 15.37 -3.67
N LEU B 21 7.93 15.60 -2.44
CA LEU B 21 7.42 14.94 -1.24
C LEU B 21 6.31 15.79 -0.63
N SER B 22 5.28 15.12 -0.09
CA SER B 22 4.22 15.75 0.68
C SER B 22 4.14 15.07 2.03
N CYS B 23 3.72 15.84 3.06
CA CYS B 23 3.52 15.32 4.41
C CYS B 23 2.35 16.07 5.00
N THR B 24 1.20 15.39 5.13
CA THR B 24 -0.02 16.04 5.60
C THR B 24 -0.21 15.76 7.09
N ALA B 25 -0.79 16.76 7.77
CA ALA B 25 -0.97 16.75 9.20
C ALA B 25 -2.45 16.62 9.55
N SER B 26 -2.72 15.85 10.61
CA SER B 26 -4.05 15.73 11.17
C SER B 26 -4.47 17.03 11.86
N GLY B 27 -3.47 17.77 12.38
CA GLY B 27 -3.71 19.06 13.01
C GLY B 27 -3.35 20.23 12.09
N SER B 28 -3.62 21.45 12.55
CA SER B 28 -3.26 22.65 11.81
C SER B 28 -1.74 22.82 11.76
N ILE B 29 -1.20 22.84 10.54
CA ILE B 29 0.23 22.78 10.28
C ILE B 29 0.85 24.14 10.56
N GLY B 30 0.09 25.21 10.27
CA GLY B 30 0.59 26.58 10.42
C GLY B 30 0.97 26.92 11.86
N SER B 31 0.46 26.13 12.82
CA SER B 31 0.67 26.39 14.24
C SER B 31 1.73 25.46 14.84
N ILE B 32 2.60 24.88 14.00
CA ILE B 32 3.72 24.08 14.47
C ILE B 32 4.99 24.92 14.33
N SER B 33 5.76 24.99 15.43
CA SER B 33 6.88 25.91 15.55
C SER B 33 7.93 25.61 14.47
N VAL B 34 8.39 24.36 14.46
CA VAL B 34 9.41 23.92 13.51
C VAL B 34 8.93 22.64 12.85
N MET B 35 9.26 22.52 11.55
CA MET B 35 9.09 21.29 10.82
C MET B 35 10.25 21.11 9.85
N GLY B 36 10.52 19.86 9.44
CA GLY B 36 11.60 19.59 8.51
C GLY B 36 11.64 18.15 8.00
N TRP B 37 12.45 17.96 6.94
CA TRP B 37 12.59 16.69 6.25
C TRP B 37 13.95 16.06 6.55
N TYR B 38 13.94 14.78 6.94
CA TYR B 38 15.16 14.07 7.23
C TYR B 38 15.32 12.92 6.24
N ARG B 39 16.56 12.73 5.76
CA ARG B 39 16.95 11.59 4.95
C ARG B 39 17.65 10.60 5.89
N GLN B 40 17.37 9.31 5.74
CA GLN B 40 18.06 8.30 6.52
C GLN B 40 18.28 7.05 5.68
N VAL B 41 19.51 6.50 5.73
CA VAL B 41 19.80 5.16 5.22
C VAL B 41 20.24 4.30 6.39
N PRO B 42 20.19 2.95 6.29
CA PRO B 42 20.71 2.08 7.36
C PRO B 42 22.15 2.41 7.78
N GLY B 43 22.34 2.56 9.10
CA GLY B 43 23.65 2.84 9.68
C GLY B 43 24.01 4.32 9.72
N THR B 44 23.07 5.21 9.36
CA THR B 44 23.30 6.65 9.35
C THR B 44 22.13 7.36 10.04
N GLN B 45 22.47 8.27 10.97
CA GLN B 45 21.50 9.02 11.74
C GLN B 45 20.70 9.94 10.83
N TYR B 46 19.39 10.03 11.10
CA TYR B 46 18.52 10.99 10.43
C TYR B 46 19.32 12.26 10.14
N GLU B 47 19.54 12.55 8.85
CA GLU B 47 20.15 13.80 8.43
C GLU B 47 19.07 14.82 8.08
N LEU B 48 19.08 15.99 8.74
CA LEU B 48 18.15 17.06 8.38
C LEU B 48 18.57 17.67 7.05
N VAL B 49 17.65 17.58 6.08
CA VAL B 49 17.84 18.04 4.72
C VAL B 49 17.36 19.49 4.60
N ALA B 50 16.19 19.77 5.19
CA ALA B 50 15.57 21.09 5.09
C ALA B 50 14.60 21.26 6.24
N GLY B 51 14.49 22.51 6.73
CA GLY B 51 13.63 22.86 7.85
C GLY B 51 12.87 24.16 7.57
N ILE B 52 11.75 24.35 8.29
CA ILE B 52 10.92 25.54 8.13
C ILE B 52 10.29 25.92 9.46
N SER B 53 10.46 27.20 9.83
CA SER B 53 9.92 27.75 11.06
C SER B 53 8.46 28.14 10.84
N ARG B 54 7.73 28.31 11.95
CA ARG B 54 6.35 28.76 11.92
C ARG B 54 6.23 30.13 11.24
N GLY B 55 7.27 30.97 11.39
CA GLY B 55 7.32 32.29 10.75
C GLY B 55 7.39 32.22 9.23
N GLY B 56 8.07 31.18 8.70
CA GLY B 56 8.29 31.03 7.28
C GLY B 56 9.76 30.88 6.92
N SER B 57 10.65 30.99 7.93
CA SER B 57 12.08 30.83 7.74
C SER B 57 12.36 29.42 7.26
N THR B 58 13.37 29.27 6.40
CA THR B 58 13.76 27.98 5.86
C THR B 58 15.26 27.75 6.08
N TRP B 59 15.63 26.49 6.28
CA TRP B 59 17.03 26.09 6.34
C TRP B 59 17.27 24.91 5.40
N TYR B 60 18.50 24.82 4.87
CA TYR B 60 18.88 23.77 3.92
C TYR B 60 20.30 23.28 4.20
N GLU B 61 20.47 21.95 4.26
CA GLU B 61 21.80 21.33 4.23
C GLU B 61 22.52 21.86 2.99
N ASP B 62 23.84 21.93 3.01
CA ASP B 62 24.58 22.54 1.90
C ASP B 62 24.42 21.69 0.64
N SER B 63 24.49 20.36 0.81
CA SER B 63 24.40 19.40 -0.28
C SER B 63 23.21 19.73 -1.19
N VAL B 64 22.09 20.10 -0.57
CA VAL B 64 20.80 20.19 -1.24
C VAL B 64 20.45 21.64 -1.59
N LYS B 65 21.29 22.61 -1.22
CA LYS B 65 21.01 24.02 -1.47
C LYS B 65 20.84 24.24 -2.97
N GLY B 66 19.77 24.95 -3.35
CA GLY B 66 19.53 25.30 -4.76
C GLY B 66 18.83 24.20 -5.56
N ARG B 67 18.66 23.01 -4.95
CA ARG B 67 18.08 21.86 -5.61
C ARG B 67 16.73 21.49 -4.97
N PHE B 68 16.72 21.39 -3.64
CA PHE B 68 15.53 21.10 -2.86
C PHE B 68 14.86 22.39 -2.40
N THR B 69 13.55 22.34 -2.19
CA THR B 69 12.76 23.53 -1.84
C THR B 69 11.59 23.14 -0.94
N ILE B 70 11.76 23.40 0.37
CA ILE B 70 10.73 23.14 1.36
C ILE B 70 9.70 24.26 1.29
N SER B 71 8.42 23.89 1.45
CA SER B 71 7.34 24.85 1.55
C SER B 71 6.19 24.26 2.37
N ARG B 72 5.27 25.12 2.79
CA ARG B 72 4.09 24.69 3.54
C ARG B 72 2.85 25.40 2.98
N ASP B 73 1.74 24.66 2.96
CA ASP B 73 0.43 25.16 2.55
C ASP B 73 -0.53 24.95 3.72
N ASN B 74 -0.61 25.95 4.60
CA ASN B 74 -1.38 25.86 5.84
C ASN B 74 -2.86 25.69 5.50
N ALA B 75 -3.27 26.25 4.34
CA ALA B 75 -4.60 26.05 3.80
C ALA B 75 -4.92 24.56 3.74
N LYS B 76 -4.04 23.79 3.06
CA LYS B 76 -4.27 22.37 2.79
C LYS B 76 -3.51 21.49 3.78
N ASN B 77 -3.05 22.07 4.90
CA ASN B 77 -2.39 21.37 5.99
C ASN B 77 -1.33 20.38 5.48
N THR B 78 -0.46 20.83 4.56
CA THR B 78 0.53 19.96 3.91
C THR B 78 1.89 20.65 3.79
N LEU B 79 2.94 19.87 4.03
CA LEU B 79 4.32 20.28 3.88
C LEU B 79 4.94 19.57 2.69
N TYR B 80 5.78 20.29 1.93
CA TYR B 80 6.31 19.81 0.66
C TYR B 80 7.82 19.86 0.66
N LEU B 81 8.47 18.97 -0.10
CA LEU B 81 9.87 19.09 -0.44
C LEU B 81 10.04 18.83 -1.94
N GLN B 82 10.25 19.91 -2.71
CA GLN B 82 10.48 19.81 -4.13
C GLN B 82 11.95 19.51 -4.39
N MET B 83 12.23 18.29 -4.88
CA MET B 83 13.59 17.78 -5.07
C MET B 83 13.95 17.81 -6.56
N ASN B 84 15.01 18.54 -6.92
CA ASN B 84 15.48 18.61 -8.30
C ASN B 84 16.93 18.15 -8.40
N SER B 85 17.32 17.77 -9.63
CA SER B 85 18.69 17.44 -9.98
C SER B 85 19.21 16.36 -9.04
N LEU B 86 18.42 15.30 -8.89
CA LEU B 86 18.66 14.29 -7.87
C LEU B 86 19.95 13.52 -8.18
N LYS B 87 20.77 13.35 -7.15
CA LYS B 87 21.96 12.52 -7.21
C LYS B 87 21.63 11.17 -6.56
N PRO B 88 22.43 10.12 -6.81
CA PRO B 88 22.36 8.88 -6.01
C PRO B 88 22.60 9.08 -4.52
N GLU B 89 23.41 10.09 -4.18
CA GLU B 89 23.68 10.50 -2.80
C GLU B 89 22.37 10.80 -2.05
N ASP B 90 21.33 11.22 -2.78
CA ASP B 90 20.06 11.60 -2.20
C ASP B 90 19.18 10.39 -1.91
N THR B 91 19.58 9.21 -2.38
CA THR B 91 18.89 7.97 -2.05
C THR B 91 18.77 7.82 -0.53
N GLY B 92 17.61 7.34 -0.09
CA GLY B 92 17.33 7.14 1.31
C GLY B 92 15.84 7.30 1.60
N MET B 93 15.45 6.88 2.81
CA MET B 93 14.07 7.00 3.27
C MET B 93 13.91 8.40 3.87
N TYR B 94 12.91 9.13 3.36
CA TYR B 94 12.70 10.51 3.77
C TYR B 94 11.51 10.58 4.73
N TYR B 95 11.80 11.15 5.92
CA TYR B 95 10.79 11.41 6.93
C TYR B 95 10.56 12.91 7.07
N CYS B 96 9.34 13.28 7.46
CA CYS B 96 9.00 14.64 7.86
C CYS B 96 8.65 14.58 9.35
N ALA B 97 8.98 15.65 10.08
CA ALA B 97 8.85 15.69 11.54
C ALA B 97 8.73 17.14 12.00
N GLY B 98 7.90 17.36 13.03
CA GLY B 98 7.65 18.69 13.55
C GLY B 98 7.11 18.69 14.98
N GLY B 99 7.12 19.88 15.58
CA GLY B 99 6.74 20.08 16.96
C GLY B 99 7.06 21.48 17.44
N ASP B 100 6.79 21.75 18.73
CA ASP B 100 7.23 22.97 19.40
C ASP B 100 8.40 22.58 20.31
N TYR B 101 9.06 23.60 20.86
CA TYR B 101 10.33 23.44 21.55
C TYR B 101 10.17 22.69 22.88
N SER B 102 8.93 22.56 23.35
CA SER B 102 8.63 21.75 24.53
C SER B 102 8.65 20.25 24.22
N ASP B 103 8.53 19.90 22.93
CA ASP B 103 8.46 18.50 22.49
C ASP B 103 9.85 17.89 22.45
N ARG B 104 9.97 16.67 22.99
CA ARG B 104 11.27 16.03 23.17
C ARG B 104 11.68 15.34 21.86
N LEU B 105 10.73 14.58 21.25
CA LEU B 105 10.92 13.91 19.97
C LEU B 105 10.29 14.70 18.81
N GLY B 106 9.05 15.15 18.99
CA GLY B 106 8.24 15.68 17.88
C GLY B 106 7.43 14.56 17.23
N SER B 107 6.48 14.93 16.39
CA SER B 107 5.75 13.97 15.56
C SER B 107 6.58 13.66 14.32
N TRP B 108 6.66 12.37 13.97
CA TRP B 108 7.41 11.95 12.79
C TRP B 108 6.46 11.50 11.68
N GLY B 109 6.35 10.20 11.42
CA GLY B 109 5.73 9.75 10.19
C GLY B 109 6.50 8.56 9.65
N GLN B 110 5.81 7.68 8.91
CA GLN B 110 6.36 6.39 8.54
C GLN B 110 7.50 6.56 7.50
N GLY B 111 7.46 7.66 6.74
CA GLY B 111 8.52 7.99 5.78
C GLY B 111 8.14 7.56 4.38
N THR B 112 8.94 8.03 3.40
CA THR B 112 8.70 7.73 1.98
C THR B 112 10.05 7.53 1.30
N GLN B 113 10.18 6.41 0.57
CA GLN B 113 11.47 5.97 0.00
C GLN B 113 11.76 6.76 -1.27
N VAL B 114 12.96 7.34 -1.34
CA VAL B 114 13.48 7.97 -2.54
C VAL B 114 14.71 7.18 -3.00
N THR B 115 14.61 6.55 -4.18
CA THR B 115 15.73 5.85 -4.79
C THR B 115 16.12 6.57 -6.08
N VAL B 116 17.43 6.82 -6.26
CA VAL B 116 17.95 7.56 -7.41
C VAL B 116 19.09 6.76 -8.04
N SER B 117 18.84 6.17 -9.21
CA SER B 117 19.80 5.30 -9.87
C SER B 117 19.85 5.68 -11.35
N SER B 118 20.99 5.39 -12.02
CA SER B 118 21.36 6.04 -13.27
C SER B 118 21.52 5.04 -14.42
N GLU C 2 -0.89 -17.82 -18.40
CA GLU C 2 -2.22 -17.22 -18.06
C GLU C 2 -2.44 -17.32 -16.54
N VAL C 3 -1.49 -16.72 -15.82
CA VAL C 3 -1.36 -16.80 -14.37
C VAL C 3 -0.95 -15.41 -13.86
N GLN C 4 -1.48 -15.03 -12.68
CA GLN C 4 -1.15 -13.75 -12.05
C GLN C 4 0.03 -13.95 -11.09
N LEU C 5 0.99 -13.01 -11.12
CA LEU C 5 2.22 -13.08 -10.34
C LEU C 5 2.36 -11.82 -9.48
N VAL C 6 2.77 -11.99 -8.22
CA VAL C 6 2.85 -10.86 -7.30
C VAL C 6 4.13 -10.97 -6.49
N GLU C 7 5.04 -9.99 -6.68
CA GLU C 7 6.34 -10.00 -6.03
C GLU C 7 6.24 -9.30 -4.67
N SER C 8 7.17 -9.65 -3.77
CA SER C 8 7.29 -9.01 -2.48
C SER C 8 8.68 -9.28 -1.90
N GLY C 9 8.95 -8.74 -0.71
CA GLY C 9 10.15 -9.07 0.05
C GLY C 9 11.28 -8.04 -0.12
N GLY C 10 11.06 -7.04 -0.98
CA GLY C 10 12.01 -5.97 -1.20
C GLY C 10 12.03 -4.98 -0.03
N GLY C 11 12.95 -4.01 -0.11
CA GLY C 11 13.13 -3.03 0.95
C GLY C 11 14.45 -2.27 0.82
N LEU C 12 14.80 -1.53 1.88
CA LEU C 12 16.03 -0.75 1.95
C LEU C 12 17.01 -1.42 2.92
N VAL C 13 18.20 -1.78 2.43
CA VAL C 13 19.17 -2.48 3.25
C VAL C 13 20.56 -1.90 3.00
N GLN C 14 21.41 -1.94 4.03
CA GLN C 14 22.76 -1.40 3.93
C GLN C 14 23.59 -2.35 3.08
N THR C 15 24.57 -1.79 2.34
CA THR C 15 25.47 -2.57 1.51
C THR C 15 26.04 -3.75 2.32
N GLY C 16 26.05 -4.93 1.69
CA GLY C 16 26.54 -6.14 2.32
C GLY C 16 25.42 -6.95 2.98
N GLY C 17 24.27 -6.30 3.23
CA GLY C 17 23.12 -6.96 3.81
C GLY C 17 22.46 -7.95 2.85
N SER C 18 21.38 -8.57 3.33
CA SER C 18 20.62 -9.55 2.57
C SER C 18 19.15 -9.18 2.58
N LEU C 19 18.40 -9.68 1.60
CA LEU C 19 16.95 -9.85 1.74
C LEU C 19 16.51 -10.96 0.79
N ARG C 20 15.21 -11.34 0.86
CA ARG C 20 14.70 -12.44 0.06
C ARG C 20 13.39 -12.05 -0.61
N LEU C 21 13.35 -12.19 -1.94
CA LEU C 21 12.19 -11.87 -2.75
C LEU C 21 11.29 -13.10 -2.88
N SER C 22 9.97 -12.87 -2.87
CA SER C 22 8.98 -13.90 -3.13
C SER C 22 8.08 -13.42 -4.26
N CYS C 23 7.55 -14.38 -5.04
CA CYS C 23 6.63 -14.09 -6.12
C CYS C 23 5.66 -15.26 -6.17
N THR C 24 4.41 -15.02 -5.72
CA THR C 24 3.41 -16.08 -5.66
C THR C 24 2.50 -16.02 -6.89
N ALA C 25 2.08 -17.22 -7.31
CA ALA C 25 1.31 -17.40 -8.53
C ALA C 25 -0.12 -17.81 -8.17
N SER C 26 -1.07 -17.29 -8.95
CA SER C 26 -2.47 -17.70 -8.86
C SER C 26 -2.64 -19.12 -9.38
N GLY C 27 -1.79 -19.52 -10.35
CA GLY C 27 -1.79 -20.86 -10.91
C GLY C 27 -0.66 -21.74 -10.33
N SER C 28 -0.65 -23.01 -10.72
CA SER C 28 0.38 -23.94 -10.28
C SER C 28 1.72 -23.56 -10.92
N ILE C 29 2.70 -23.28 -10.07
CA ILE C 29 3.97 -22.70 -10.46
C ILE C 29 4.86 -23.77 -11.09
N GLY C 30 4.74 -25.01 -10.58
CA GLY C 30 5.59 -26.10 -11.03
C GLY C 30 5.42 -26.42 -12.51
N SER C 31 4.28 -25.99 -13.08
CA SER C 31 3.91 -26.30 -14.46
C SER C 31 4.15 -25.12 -15.39
N ILE C 32 5.02 -24.18 -14.99
CA ILE C 32 5.47 -23.09 -15.86
C ILE C 32 6.88 -23.43 -16.35
N SER C 33 7.07 -23.34 -17.68
CA SER C 33 8.27 -23.83 -18.35
C SER C 33 9.50 -23.07 -17.83
N VAL C 34 9.45 -21.74 -17.93
CA VAL C 34 10.54 -20.89 -17.50
C VAL C 34 10.00 -19.79 -16.59
N MET C 35 10.80 -19.44 -15.59
CA MET C 35 10.55 -18.28 -14.75
C MET C 35 11.88 -17.62 -14.40
N GLY C 36 11.84 -16.33 -14.07
CA GLY C 36 13.05 -15.60 -13.70
C GLY C 36 12.79 -14.22 -13.10
N TRP C 37 13.85 -13.66 -12.51
CA TRP C 37 13.82 -12.37 -11.85
C TRP C 37 14.59 -11.34 -12.67
N TYR C 38 13.96 -10.18 -12.91
CA TYR C 38 14.60 -9.12 -13.66
C TYR C 38 14.76 -7.91 -12.75
N ARG C 39 15.93 -7.26 -12.86
CA ARG C 39 16.20 -5.98 -12.23
C ARG C 39 16.03 -4.90 -13.29
N GLN C 40 15.41 -3.78 -12.93
CA GLN C 40 15.31 -2.65 -13.85
C GLN C 40 15.46 -1.34 -13.07
N VAL C 41 16.27 -0.42 -13.61
CA VAL C 41 16.31 0.97 -13.16
C VAL C 41 15.85 1.86 -14.32
N PRO C 42 15.43 3.12 -14.08
CA PRO C 42 15.08 4.04 -15.17
C PRO C 42 16.18 4.19 -16.23
N GLY C 43 15.78 4.03 -17.49
CA GLY C 43 16.68 4.17 -18.63
C GLY C 43 17.43 2.89 -18.99
N THR C 44 17.12 1.76 -18.34
CA THR C 44 17.81 0.50 -18.57
C THR C 44 16.79 -0.64 -18.70
N GLN C 45 16.97 -1.45 -19.75
CA GLN C 45 16.09 -2.57 -20.04
C GLN C 45 16.15 -3.61 -18.93
N TYR C 46 14.98 -4.17 -18.57
CA TYR C 46 14.90 -5.35 -17.73
C TYR C 46 16.15 -6.22 -17.96
N GLU C 47 16.99 -6.32 -16.92
CA GLU C 47 18.11 -7.23 -16.92
C GLU C 47 17.70 -8.53 -16.22
N LEU C 48 17.83 -9.68 -16.90
CA LEU C 48 17.61 -10.97 -16.24
C LEU C 48 18.77 -11.26 -15.28
N VAL C 49 18.40 -11.40 -14.00
CA VAL C 49 19.31 -11.64 -12.90
C VAL C 49 19.49 -13.15 -12.70
N ALA C 50 18.37 -13.88 -12.74
CA ALA C 50 18.38 -15.31 -12.49
C ALA C 50 17.13 -15.92 -13.11
N GLY C 51 17.25 -17.16 -13.59
CA GLY C 51 16.18 -17.89 -14.23
C GLY C 51 16.13 -19.33 -13.75
N ILE C 52 14.96 -19.97 -13.92
CA ILE C 52 14.76 -21.35 -13.50
C ILE C 52 13.79 -22.04 -14.45
N SER C 53 14.21 -23.20 -14.96
CA SER C 53 13.41 -24.03 -15.85
C SER C 53 12.44 -24.87 -15.02
N ARG C 54 11.40 -25.40 -15.69
CA ARG C 54 10.42 -26.30 -15.08
C ARG C 54 11.12 -27.54 -14.52
N GLY C 55 12.21 -27.97 -15.17
CA GLY C 55 12.98 -29.13 -14.73
C GLY C 55 13.70 -28.88 -13.40
N GLY C 56 14.13 -27.64 -13.18
CA GLY C 56 14.92 -27.28 -12.01
C GLY C 56 16.25 -26.62 -12.37
N SER C 57 16.54 -26.50 -13.68
CA SER C 57 17.74 -25.84 -14.14
C SER C 57 17.70 -24.38 -13.71
N THR C 58 18.88 -23.82 -13.38
CA THR C 58 18.98 -22.43 -12.95
C THR C 58 20.04 -21.71 -13.77
N TRP C 59 19.82 -20.41 -14.01
CA TRP C 59 20.81 -19.56 -14.64
C TRP C 59 21.00 -18.29 -13.79
N TYR C 60 22.21 -17.71 -13.84
CA TYR C 60 22.56 -16.51 -13.08
C TYR C 60 23.44 -15.58 -13.91
N GLU C 61 23.09 -14.29 -13.93
CA GLU C 61 23.98 -13.24 -14.43
C GLU C 61 25.30 -13.37 -13.66
N ASP C 62 26.41 -12.95 -14.27
CA ASP C 62 27.72 -13.17 -13.66
C ASP C 62 27.84 -12.34 -12.38
N SER C 63 27.37 -11.08 -12.45
CA SER C 63 27.45 -10.13 -11.35
C SER C 63 26.96 -10.78 -10.05
N VAL C 64 25.88 -11.57 -10.15
CA VAL C 64 25.14 -12.04 -8.99
C VAL C 64 25.51 -13.48 -8.63
N LYS C 65 26.39 -14.13 -9.42
CA LYS C 65 26.72 -15.52 -9.19
C LYS C 65 27.32 -15.68 -7.79
N GLY C 66 26.85 -16.69 -7.04
CA GLY C 66 27.36 -17.02 -5.73
C GLY C 66 26.76 -16.18 -4.60
N ARG C 67 25.94 -15.17 -4.95
CA ARG C 67 25.34 -14.24 -4.00
C ARG C 67 23.83 -14.43 -3.96
N PHE C 68 23.21 -14.45 -5.16
CA PHE C 68 21.78 -14.66 -5.31
C PHE C 68 21.49 -16.15 -5.52
N THR C 69 20.28 -16.59 -5.14
CA THR C 69 19.90 -17.99 -5.23
C THR C 69 18.40 -18.11 -5.48
N ILE C 70 18.06 -18.40 -6.75
CA ILE C 70 16.68 -18.58 -7.17
C ILE C 70 16.24 -19.98 -6.76
N SER C 71 14.98 -20.09 -6.32
CA SER C 71 14.39 -21.38 -5.97
C SER C 71 12.87 -21.29 -6.12
N ARG C 72 12.22 -22.46 -6.12
CA ARG C 72 10.77 -22.54 -6.25
C ARG C 72 10.24 -23.58 -5.25
N ASP C 73 9.06 -23.27 -4.70
CA ASP C 73 8.34 -24.16 -3.79
C ASP C 73 6.96 -24.40 -4.41
N ASN C 74 6.87 -25.44 -5.25
CA ASN C 74 5.66 -25.73 -6.02
C ASN C 74 4.51 -26.05 -5.06
N ALA C 75 4.86 -26.60 -3.89
CA ALA C 75 3.91 -26.84 -2.81
C ALA C 75 3.15 -25.55 -2.50
N LYS C 76 3.90 -24.48 -2.21
CA LYS C 76 3.33 -23.22 -1.76
C LYS C 76 3.22 -22.20 -2.91
N ASN C 77 3.34 -22.69 -4.15
CA ASN C 77 3.16 -21.89 -5.37
C ASN C 77 3.92 -20.57 -5.29
N THR C 78 5.20 -20.60 -4.88
CA THR C 78 6.00 -19.39 -4.67
C THR C 78 7.42 -19.56 -5.21
N LEU C 79 7.91 -18.48 -5.83
CA LEU C 79 9.27 -18.38 -6.35
C LEU C 79 10.04 -17.39 -5.50
N TYR C 80 11.32 -17.71 -5.24
CA TYR C 80 12.14 -16.95 -4.32
C TYR C 80 13.41 -16.48 -5.00
N LEU C 81 13.96 -15.35 -4.54
CA LEU C 81 15.33 -14.96 -4.85
C LEU C 81 16.03 -14.53 -3.57
N GLN C 82 16.91 -15.40 -3.06
CA GLN C 82 17.68 -15.11 -1.86
C GLN C 82 18.92 -14.30 -2.24
N MET C 83 18.93 -13.02 -1.82
CA MET C 83 19.96 -12.06 -2.21
C MET C 83 20.91 -11.81 -1.03
N ASN C 84 22.20 -12.11 -1.23
CA ASN C 84 23.20 -11.90 -0.19
C ASN C 84 24.30 -10.95 -0.69
N SER C 85 25.01 -10.35 0.28
CA SER C 85 26.18 -9.54 0.04
C SER C 85 25.83 -8.43 -0.96
N LEU C 86 24.73 -7.73 -0.68
CA LEU C 86 24.14 -6.80 -1.63
C LEU C 86 25.08 -5.61 -1.85
N LYS C 87 25.27 -5.26 -3.12
CA LYS C 87 25.99 -4.06 -3.52
C LYS C 87 24.96 -2.98 -3.86
N PRO C 88 25.38 -1.69 -3.92
CA PRO C 88 24.54 -0.65 -4.52
C PRO C 88 24.15 -0.88 -5.98
N GLU C 89 25.03 -1.58 -6.71
CA GLU C 89 24.79 -1.99 -8.09
C GLU C 89 23.50 -2.78 -8.22
N ASP C 90 23.10 -3.48 -7.14
CA ASP C 90 21.92 -4.32 -7.13
C ASP C 90 20.64 -3.52 -6.91
N THR C 91 20.77 -2.23 -6.58
CA THR C 91 19.62 -1.34 -6.47
C THR C 91 18.81 -1.40 -7.77
N GLY C 92 17.48 -1.39 -7.63
CA GLY C 92 16.57 -1.39 -8.75
C GLY C 92 15.25 -2.07 -8.38
N MET C 93 14.26 -1.93 -9.27
CA MET C 93 12.96 -2.54 -9.11
C MET C 93 13.04 -3.96 -9.67
N TYR C 94 12.68 -4.94 -8.85
CA TYR C 94 12.81 -6.34 -9.21
C TYR C 94 11.44 -6.91 -9.56
N TYR C 95 11.35 -7.45 -10.79
CA TYR C 95 10.17 -8.13 -11.27
C TYR C 95 10.45 -9.63 -11.40
N CYS C 96 9.39 -10.43 -11.25
CA CYS C 96 9.39 -11.84 -11.55
C CYS C 96 8.44 -12.05 -12.72
N ALA C 97 8.78 -13.01 -13.60
CA ALA C 97 8.05 -13.22 -14.85
C ALA C 97 8.27 -14.65 -15.34
N GLY C 98 7.22 -15.24 -15.92
CA GLY C 98 7.25 -16.62 -16.36
C GLY C 98 6.17 -16.94 -17.39
N GLY C 99 6.34 -18.10 -18.03
CA GLY C 99 5.48 -18.56 -19.12
C GLY C 99 6.03 -19.81 -19.78
N ASP C 100 5.37 -20.28 -20.84
CA ASP C 100 5.84 -21.36 -21.68
C ASP C 100 6.37 -20.76 -22.98
N TYR C 101 7.06 -21.59 -23.78
CA TYR C 101 7.84 -21.13 -24.91
C TYR C 101 6.97 -20.58 -26.04
N SER C 102 5.66 -20.86 -25.98
CA SER C 102 4.70 -20.30 -26.91
C SER C 102 4.38 -18.84 -26.58
N ASP C 103 4.66 -18.42 -25.32
CA ASP C 103 4.32 -17.09 -24.85
C ASP C 103 5.33 -16.06 -25.36
N ARG C 104 4.81 -14.92 -25.83
CA ARG C 104 5.62 -13.85 -26.38
C ARG C 104 6.22 -13.01 -25.23
N LEU C 105 5.37 -12.62 -24.27
CA LEU C 105 5.76 -11.76 -23.14
C LEU C 105 5.94 -12.58 -21.87
N GLY C 106 4.97 -13.42 -21.54
CA GLY C 106 4.88 -14.07 -20.23
C GLY C 106 4.07 -13.22 -19.27
N SER C 107 3.73 -13.80 -18.10
CA SER C 107 3.14 -13.05 -17.01
C SER C 107 4.25 -12.36 -16.23
N TRP C 108 4.03 -11.09 -15.85
CA TRP C 108 5.02 -10.34 -15.08
C TRP C 108 4.54 -10.15 -13.64
N GLY C 109 4.12 -8.94 -13.27
CA GLY C 109 3.97 -8.61 -11.86
C GLY C 109 4.43 -7.19 -11.62
N GLN C 110 3.86 -6.53 -10.60
CA GLN C 110 4.08 -5.10 -10.41
C GLN C 110 5.51 -4.80 -9.98
N GLY C 111 6.19 -5.77 -9.37
CA GLY C 111 7.59 -5.63 -8.99
C GLY C 111 7.75 -5.24 -7.53
N THR C 112 8.99 -5.30 -7.04
CA THR C 112 9.31 -4.98 -5.65
C THR C 112 10.66 -4.26 -5.59
N GLN C 113 10.71 -3.11 -4.91
CA GLN C 113 11.85 -2.20 -4.94
C GLN C 113 12.92 -2.72 -3.98
N VAL C 114 14.16 -2.85 -4.49
CA VAL C 114 15.32 -3.16 -3.68
C VAL C 114 16.28 -1.98 -3.74
N THR C 115 16.50 -1.32 -2.60
CA THR C 115 17.44 -0.22 -2.49
C THR C 115 18.57 -0.64 -1.56
N VAL C 116 19.82 -0.40 -1.99
CA VAL C 116 21.01 -0.80 -1.24
C VAL C 116 21.96 0.40 -1.12
N SER C 117 22.06 1.00 0.06
CA SER C 117 22.93 2.15 0.29
C SER C 117 23.68 1.95 1.60
N SER C 118 24.87 2.56 1.74
CA SER C 118 25.73 2.38 2.90
C SER C 118 26.33 3.72 3.34
N GLU D 2 3.27 10.89 23.07
CA GLU D 2 4.23 11.35 22.03
C GLU D 2 4.90 10.14 21.38
N VAL D 3 4.04 9.27 20.81
CA VAL D 3 4.39 7.96 20.29
C VAL D 3 3.58 7.74 19.02
N GLN D 4 4.19 7.08 18.02
CA GLN D 4 3.53 6.77 16.75
C GLN D 4 2.89 5.38 16.84
N LEU D 5 1.65 5.26 16.33
CA LEU D 5 0.86 4.04 16.38
C LEU D 5 0.43 3.62 14.98
N VAL D 6 0.53 2.32 14.68
CA VAL D 6 0.21 1.84 13.34
C VAL D 6 -0.61 0.56 13.45
N GLU D 7 -1.86 0.60 12.96
CA GLU D 7 -2.78 -0.51 13.05
C GLU D 7 -2.61 -1.42 11.82
N SER D 8 -3.00 -2.69 12.00
CA SER D 8 -3.01 -3.65 10.92
C SER D 8 -3.93 -4.82 11.29
N GLY D 9 -4.04 -5.81 10.39
CA GLY D 9 -4.71 -7.07 10.66
C GLY D 9 -6.16 -7.11 10.19
N GLY D 10 -6.65 -5.98 9.65
CA GLY D 10 -8.00 -5.90 9.11
C GLY D 10 -8.11 -6.61 7.77
N GLY D 11 -9.34 -6.67 7.23
CA GLY D 11 -9.61 -7.36 5.98
C GLY D 11 -11.11 -7.60 5.77
N LEU D 12 -11.43 -8.42 4.75
CA LEU D 12 -12.81 -8.75 4.42
C LEU D 12 -13.09 -10.21 4.79
N VAL D 13 -14.08 -10.43 5.66
CA VAL D 13 -14.37 -11.76 6.18
C VAL D 13 -15.88 -11.99 6.21
N GLN D 14 -16.29 -13.25 6.04
CA GLN D 14 -17.70 -13.60 6.03
C GLN D 14 -18.25 -13.50 7.44
N THR D 15 -19.53 -13.14 7.57
CA THR D 15 -20.21 -13.07 8.84
C THR D 15 -19.95 -14.33 9.66
N GLY D 16 -19.63 -14.15 10.95
CA GLY D 16 -19.33 -15.24 11.85
C GLY D 16 -17.84 -15.56 11.93
N GLY D 17 -17.07 -15.07 10.95
CA GLY D 17 -15.64 -15.27 10.92
C GLY D 17 -14.92 -14.47 12.02
N SER D 18 -13.58 -14.60 12.02
CA SER D 18 -12.73 -13.90 12.98
C SER D 18 -11.62 -13.17 12.23
N LEU D 19 -11.05 -12.16 12.87
CA LEU D 19 -9.69 -11.71 12.54
C LEU D 19 -9.10 -11.03 13.78
N ARG D 20 -7.82 -10.63 13.69
CA ARG D 20 -7.14 -10.03 14.84
C ARG D 20 -6.38 -8.78 14.43
N LEU D 21 -6.67 -7.66 15.12
CA LEU D 21 -6.04 -6.38 14.86
C LEU D 21 -4.78 -6.24 15.71
N SER D 22 -3.75 -5.61 15.14
CA SER D 22 -2.52 -5.25 15.85
C SER D 22 -2.29 -3.76 15.69
N CYS D 23 -1.66 -3.14 16.70
CA CYS D 23 -1.29 -1.74 16.67
C CYS D 23 0.04 -1.62 17.40
N THR D 24 1.12 -1.39 16.66
CA THR D 24 2.45 -1.33 17.24
C THR D 24 2.85 0.12 17.48
N ALA D 25 3.62 0.32 18.57
CA ALA D 25 4.02 1.63 19.02
C ALA D 25 5.52 1.81 18.79
N SER D 26 5.89 3.04 18.42
CA SER D 26 7.29 3.44 18.32
C SER D 26 7.91 3.54 19.72
N GLY D 27 7.08 3.88 20.71
CA GLY D 27 7.52 3.98 22.11
C GLY D 27 7.08 2.75 22.92
N SER D 28 7.50 2.71 24.20
CA SER D 28 7.13 1.62 25.09
C SER D 28 5.65 1.70 25.42
N ILE D 29 4.93 0.63 25.09
CA ILE D 29 3.47 0.59 25.13
C ILE D 29 3.00 0.42 26.57
N GLY D 30 3.79 -0.31 27.37
CA GLY D 30 3.43 -0.62 28.75
C GLY D 30 3.30 0.64 29.61
N SER D 31 3.90 1.74 29.17
CA SER D 31 3.95 2.97 29.93
C SER D 31 2.94 4.01 29.41
N ILE D 32 1.91 3.55 28.68
CA ILE D 32 0.82 4.43 28.26
C ILE D 32 -0.39 4.14 29.16
N SER D 33 -0.96 5.22 29.73
CA SER D 33 -1.97 5.12 30.78
C SER D 33 -3.20 4.36 30.25
N VAL D 34 -3.77 4.86 29.15
CA VAL D 34 -4.95 4.28 28.54
C VAL D 34 -4.70 4.07 27.06
N MET D 35 -5.24 2.95 26.55
CA MET D 35 -5.30 2.71 25.12
C MET D 35 -6.64 2.04 24.79
N GLY D 36 -7.08 2.17 23.53
CA GLY D 36 -8.34 1.58 23.10
C GLY D 36 -8.51 1.54 21.58
N TRP D 37 -9.49 0.73 21.15
CA TRP D 37 -9.82 0.55 19.74
C TRP D 37 -11.16 1.21 19.43
N TYR D 38 -11.20 2.02 18.36
CA TYR D 38 -12.41 2.70 17.96
C TYR D 38 -12.81 2.20 16.57
N ARG D 39 -14.12 1.98 16.40
CA ARG D 39 -14.73 1.69 15.12
C ARG D 39 -15.36 2.98 14.61
N GLN D 40 -15.22 3.28 13.31
CA GLN D 40 -15.90 4.41 12.73
C GLN D 40 -16.38 4.06 11.33
N VAL D 41 -17.66 4.41 11.04
CA VAL D 41 -18.16 4.44 9.67
C VAL D 41 -18.54 5.88 9.33
N PRO D 42 -18.63 6.26 8.03
CA PRO D 42 -19.06 7.61 7.66
C PRO D 42 -20.37 8.05 8.30
N GLY D 43 -20.35 9.26 8.89
CA GLY D 43 -21.52 9.86 9.51
C GLY D 43 -21.69 9.48 10.98
N THR D 44 -20.74 8.72 11.55
CA THR D 44 -20.80 8.33 12.95
C THR D 44 -19.44 8.56 13.63
N GLN D 45 -19.49 9.16 14.82
CA GLN D 45 -18.30 9.47 15.61
C GLN D 45 -17.58 8.18 16.04
N TYR D 46 -16.25 8.21 15.99
CA TYR D 46 -15.43 7.16 16.57
C TYR D 46 -16.15 6.56 17.79
N GLU D 47 -16.56 5.29 17.67
CA GLU D 47 -17.15 4.54 18.76
C GLU D 47 -16.06 3.72 19.45
N LEU D 48 -15.87 3.90 20.77
CA LEU D 48 -14.93 3.07 21.51
C LEU D 48 -15.51 1.66 21.68
N VAL D 49 -14.77 0.69 21.15
CA VAL D 49 -15.14 -0.71 21.13
C VAL D 49 -14.57 -1.40 22.38
N ALA D 50 -13.32 -1.09 22.70
CA ALA D 50 -12.63 -1.73 23.81
C ALA D 50 -11.48 -0.82 24.26
N GLY D 51 -11.20 -0.83 25.57
CA GLY D 51 -10.14 -0.04 26.16
C GLY D 51 -9.34 -0.87 27.17
N ILE D 52 -8.12 -0.40 27.45
CA ILE D 52 -7.23 -1.09 28.38
C ILE D 52 -6.36 -0.06 29.11
N SER D 53 -6.37 -0.16 30.45
CA SER D 53 -5.57 0.70 31.32
C SER D 53 -4.14 0.17 31.39
N ARG D 54 -3.22 1.02 31.84
CA ARG D 54 -1.82 0.67 32.06
C ARG D 54 -1.72 -0.49 33.07
N GLY D 55 -2.65 -0.52 34.04
CA GLY D 55 -2.69 -1.57 35.05
C GLY D 55 -3.05 -2.94 34.47
N GLY D 56 -3.90 -2.95 33.44
CA GLY D 56 -4.39 -4.18 32.84
C GLY D 56 -5.91 -4.25 32.81
N SER D 57 -6.58 -3.23 33.37
CA SER D 57 -8.04 -3.16 33.35
C SER D 57 -8.51 -3.07 31.90
N THR D 58 -9.66 -3.70 31.61
CA THR D 58 -10.22 -3.69 30.26
C THR D 58 -11.68 -3.22 30.31
N TRP D 59 -12.12 -2.54 29.25
CA TRP D 59 -13.51 -2.18 29.07
C TRP D 59 -13.97 -2.61 27.68
N TYR D 60 -15.27 -2.93 27.55
CA TYR D 60 -15.87 -3.38 26.30
C TYR D 60 -17.26 -2.79 26.11
N GLU D 61 -17.52 -2.24 24.91
CA GLU D 61 -18.88 -1.91 24.49
C GLU D 61 -19.73 -3.16 24.62
N ASP D 62 -21.03 -3.00 24.86
CA ASP D 62 -21.89 -4.14 25.15
C ASP D 62 -21.98 -5.04 23.92
N SER D 63 -22.12 -4.42 22.73
CA SER D 63 -22.29 -5.13 21.47
C SER D 63 -21.21 -6.22 21.33
N VAL D 64 -19.99 -5.89 21.74
CA VAL D 64 -18.82 -6.70 21.43
C VAL D 64 -18.41 -7.57 22.62
N LYS D 65 -19.11 -7.47 23.76
CA LYS D 65 -18.76 -8.23 24.95
C LYS D 65 -18.81 -9.72 24.62
N GLY D 66 -17.77 -10.46 25.03
CA GLY D 66 -17.71 -11.90 24.86
C GLY D 66 -17.20 -12.35 23.49
N ARG D 67 -17.02 -11.39 22.57
CA ARG D 67 -16.63 -11.68 21.19
C ARG D 67 -15.24 -11.10 20.90
N PHE D 68 -15.05 -9.82 21.27
CA PHE D 68 -13.77 -9.14 21.10
C PHE D 68 -12.95 -9.27 22.38
N THR D 69 -11.62 -9.21 22.24
CA THR D 69 -10.72 -9.38 23.37
C THR D 69 -9.45 -8.56 23.16
N ILE D 70 -9.39 -7.40 23.86
CA ILE D 70 -8.25 -6.51 23.81
C ILE D 70 -7.16 -7.08 24.71
N SER D 71 -5.91 -6.94 24.26
CA SER D 71 -4.74 -7.37 25.02
C SER D 71 -3.52 -6.56 24.58
N ARG D 72 -2.46 -6.62 25.38
CA ARG D 72 -1.23 -5.91 25.10
C ARG D 72 -0.04 -6.83 25.40
N ASP D 73 1.00 -6.71 24.57
CA ASP D 73 2.25 -7.43 24.74
C ASP D 73 3.36 -6.38 24.81
N ASN D 74 3.66 -5.92 26.03
CA ASN D 74 4.59 -4.83 26.27
C ASN D 74 5.99 -5.25 25.80
N ALA D 75 6.26 -6.56 25.86
CA ALA D 75 7.48 -7.15 25.33
C ALA D 75 7.67 -6.70 23.87
N LYS D 76 6.64 -6.95 23.04
CA LYS D 76 6.72 -6.72 21.60
C LYS D 76 6.04 -5.41 21.21
N ASN D 77 5.80 -4.52 22.20
CA ASN D 77 5.26 -3.18 22.01
C ASN D 77 4.07 -3.19 21.06
N THR D 78 3.10 -4.10 21.26
CA THR D 78 1.96 -4.27 20.37
C THR D 78 0.66 -4.46 21.15
N LEU D 79 -0.40 -3.84 20.65
CA LEU D 79 -1.76 -3.94 21.19
C LEU D 79 -2.61 -4.70 20.18
N TYR D 80 -3.49 -5.58 20.70
CA TYR D 80 -4.26 -6.49 19.88
C TYR D 80 -5.75 -6.32 20.14
N LEU D 81 -6.57 -6.63 19.13
CA LEU D 81 -8.00 -6.85 19.32
C LEU D 81 -8.42 -8.11 18.60
N GLN D 82 -8.65 -9.18 19.37
CA GLN D 82 -9.08 -10.46 18.80
C GLN D 82 -10.60 -10.43 18.64
N MET D 83 -11.04 -10.43 17.37
CA MET D 83 -12.44 -10.25 17.01
C MET D 83 -13.04 -11.59 16.56
N ASN D 84 -14.08 -12.07 17.27
CA ASN D 84 -14.72 -13.32 16.92
C ASN D 84 -16.21 -13.11 16.64
N SER D 85 -16.80 -14.07 15.91
CA SER D 85 -18.23 -14.12 15.65
C SER D 85 -18.69 -12.81 15.03
N LEU D 86 -17.97 -12.37 14.00
CA LEU D 86 -18.14 -11.04 13.45
C LEU D 86 -19.52 -10.90 12.80
N LYS D 87 -20.19 -9.79 13.11
CA LYS D 87 -21.44 -9.41 12.47
C LYS D 87 -21.13 -8.36 11.39
N PRO D 88 -22.05 -8.11 10.44
CA PRO D 88 -21.97 -6.95 9.57
C PRO D 88 -21.95 -5.60 10.30
N GLU D 89 -22.60 -5.55 11.46
CA GLU D 89 -22.63 -4.38 12.34
C GLU D 89 -21.21 -3.95 12.71
N ASP D 90 -20.25 -4.91 12.71
CA ASP D 90 -18.87 -4.65 13.10
C ASP D 90 -18.07 -4.04 11.95
N THR D 91 -18.64 -4.01 10.74
CA THR D 91 -18.01 -3.34 9.61
C THR D 91 -17.67 -1.90 10.00
N GLY D 92 -16.50 -1.44 9.55
CA GLY D 92 -16.03 -0.09 9.79
C GLY D 92 -14.51 -0.03 9.83
N MET D 93 -13.98 1.19 9.82
CA MET D 93 -12.56 1.45 9.90
C MET D 93 -12.18 1.48 11.38
N TYR D 94 -11.20 0.65 11.75
CA TYR D 94 -10.81 0.49 13.14
C TYR D 94 -9.49 1.20 13.38
N TYR D 95 -9.54 2.13 14.36
CA TYR D 95 -8.36 2.87 14.82
C TYR D 95 -8.00 2.41 16.23
N CYS D 96 -6.69 2.50 16.55
CA CYS D 96 -6.19 2.35 17.90
C CYS D 96 -5.62 3.71 18.31
N ALA D 97 -5.74 4.03 19.61
CA ALA D 97 -5.38 5.34 20.13
C ALA D 97 -5.07 5.24 21.62
N GLY D 98 -4.08 6.01 22.08
CA GLY D 98 -3.65 5.98 23.46
C GLY D 98 -2.90 7.25 23.89
N GLY D 99 -2.72 7.37 25.21
CA GLY D 99 -2.09 8.53 25.82
C GLY D 99 -2.20 8.48 27.35
N ASP D 100 -1.72 9.54 28.01
CA ASP D 100 -1.91 9.75 29.43
C ASP D 100 -3.00 10.82 29.61
N TYR D 101 -3.48 10.97 30.85
CA TYR D 101 -4.68 11.75 31.15
C TYR D 101 -4.48 13.24 30.90
N SER D 102 -3.22 13.67 30.77
CA SER D 102 -2.87 15.03 30.42
C SER D 102 -3.10 15.30 28.92
N ASP D 103 -3.17 14.23 28.11
CA ASP D 103 -3.28 14.34 26.66
C ASP D 103 -4.72 14.64 26.27
N ARG D 104 -4.90 15.60 25.36
CA ARG D 104 -6.20 16.08 24.95
C ARG D 104 -6.79 15.13 23.89
N LEU D 105 -5.98 14.77 22.87
CA LEU D 105 -6.38 13.89 21.78
C LEU D 105 -5.83 12.48 21.98
N GLY D 106 -4.53 12.37 22.30
CA GLY D 106 -3.82 11.10 22.27
C GLY D 106 -3.21 10.85 20.91
N SER D 107 -2.35 9.82 20.82
CA SER D 107 -1.84 9.34 19.55
C SER D 107 -2.86 8.40 18.92
N TRP D 108 -3.10 8.54 17.61
CA TRP D 108 -4.06 7.69 16.92
C TRP D 108 -3.33 6.72 15.99
N GLY D 109 -3.38 6.93 14.67
CA GLY D 109 -3.00 5.88 13.74
C GLY D 109 -3.96 5.90 12.55
N GLN D 110 -3.47 5.48 11.37
CA GLN D 110 -4.24 5.65 10.15
C GLN D 110 -5.46 4.74 10.09
N GLY D 111 -5.44 3.65 10.85
CA GLY D 111 -6.59 2.76 10.97
C GLY D 111 -6.48 1.56 10.03
N THR D 112 -7.38 0.58 10.21
CA THR D 112 -7.38 -0.64 9.43
C THR D 112 -8.84 -1.05 9.17
N GLN D 113 -9.17 -1.32 7.91
CA GLN D 113 -10.56 -1.54 7.48
C GLN D 113 -10.97 -2.97 7.79
N VAL D 114 -12.12 -3.10 8.49
CA VAL D 114 -12.75 -4.39 8.73
C VAL D 114 -14.11 -4.41 8.02
N THR D 115 -14.24 -5.28 7.01
CA THR D 115 -15.50 -5.45 6.30
C THR D 115 -16.03 -6.87 6.56
N VAL D 116 -17.32 -6.98 6.92
CA VAL D 116 -17.95 -8.25 7.26
C VAL D 116 -19.25 -8.41 6.46
N SER D 117 -19.24 -9.30 5.45
CA SER D 117 -20.42 -9.53 4.61
C SER D 117 -20.64 -11.02 4.44
N SER D 118 -21.91 -11.41 4.23
CA SER D 118 -22.36 -12.79 4.13
C SER D 118 -21.47 -13.75 4.93
N GLU E 2 18.87 17.98 -37.93
CA GLU E 2 19.72 19.13 -37.51
C GLU E 2 20.32 18.85 -36.13
N VAL E 3 19.45 18.50 -35.15
CA VAL E 3 19.84 18.57 -33.73
C VAL E 3 19.44 17.27 -33.04
N GLN E 4 20.32 16.77 -32.16
CA GLN E 4 20.08 15.56 -31.40
C GLN E 4 19.40 15.91 -30.07
N LEU E 5 18.40 15.09 -29.70
CA LEU E 5 17.59 15.30 -28.51
C LEU E 5 17.63 14.04 -27.64
N VAL E 6 17.81 14.22 -26.33
CA VAL E 6 17.85 13.06 -25.45
C VAL E 6 17.04 13.37 -24.18
N GLU E 7 16.00 12.55 -23.97
CA GLU E 7 15.08 12.72 -22.85
C GLU E 7 15.63 12.00 -21.62
N SER E 8 15.20 12.48 -20.44
CA SER E 8 15.55 11.86 -19.18
C SER E 8 14.55 12.32 -18.10
N GLY E 9 14.73 11.82 -16.87
CA GLY E 9 13.99 12.30 -15.71
C GLY E 9 12.78 11.43 -15.37
N GLY E 10 12.53 10.41 -16.19
CA GLY E 10 11.46 9.47 -15.95
C GLY E 10 11.79 8.51 -14.81
N GLY E 11 10.80 7.68 -14.47
CA GLY E 11 10.93 6.70 -13.40
C GLY E 11 9.58 6.20 -12.90
N LEU E 12 9.61 5.53 -11.74
CA LEU E 12 8.43 4.92 -11.15
C LEU E 12 8.01 5.71 -9.90
N VAL E 13 6.78 6.23 -9.91
CA VAL E 13 6.30 7.06 -8.82
C VAL E 13 4.87 6.66 -8.46
N GLN E 14 4.51 6.80 -7.18
CA GLN E 14 3.20 6.44 -6.69
C GLN E 14 2.20 7.50 -7.19
N THR E 15 0.95 7.06 -7.44
CA THR E 15 -0.12 7.94 -7.90
C THR E 15 -0.16 9.20 -7.02
N GLY E 16 -0.29 10.37 -7.68
CA GLY E 16 -0.35 11.64 -6.98
C GLY E 16 1.03 12.30 -6.87
N GLY E 17 2.09 11.51 -7.04
CA GLY E 17 3.46 12.03 -7.03
C GLY E 17 3.76 12.92 -8.24
N SER E 18 5.01 13.39 -8.27
CA SER E 18 5.51 14.25 -9.32
C SER E 18 6.81 13.67 -9.86
N LEU E 19 7.16 14.06 -11.09
CA LEU E 19 8.54 14.03 -11.53
C LEU E 19 8.69 15.07 -12.64
N ARG E 20 9.94 15.27 -13.09
CA ARG E 20 10.21 16.27 -14.12
C ARG E 20 11.07 15.67 -15.22
N LEU E 21 10.59 15.80 -16.46
CA LEU E 21 11.30 15.31 -17.64
C LEU E 21 12.20 16.42 -18.18
N SER E 22 13.38 16.03 -18.67
CA SER E 22 14.32 16.92 -19.34
C SER E 22 14.62 16.33 -20.71
N CYS E 23 14.91 17.22 -21.66
CA CYS E 23 15.32 16.82 -23.01
C CYS E 23 16.33 17.84 -23.46
N THR E 24 17.61 17.42 -23.49
CA THR E 24 18.70 18.33 -23.81
C THR E 24 19.08 18.17 -25.28
N ALA E 25 19.47 19.30 -25.86
CA ALA E 25 19.71 19.40 -27.29
C ALA E 25 21.20 19.62 -27.52
N SER E 26 21.69 19.00 -28.61
CA SER E 26 23.05 19.22 -29.08
C SER E 26 23.17 20.63 -29.68
N GLY E 27 22.08 21.15 -30.24
CA GLY E 27 22.02 22.49 -30.81
C GLY E 27 21.28 23.47 -29.89
N SER E 28 21.23 24.74 -30.29
CA SER E 28 20.56 25.78 -29.53
C SER E 28 19.05 25.56 -29.60
N ILE E 29 18.42 25.36 -28.42
CA ILE E 29 17.01 24.98 -28.49
C ILE E 29 16.12 26.20 -28.61
N GLY E 30 16.60 27.37 -28.17
CA GLY E 30 15.87 28.62 -28.30
C GLY E 30 15.51 28.97 -29.74
N SER E 31 16.25 28.38 -30.70
CA SER E 31 16.08 28.70 -32.11
C SER E 31 15.26 27.64 -32.85
N ILE E 32 14.49 26.81 -32.13
CA ILE E 32 13.62 25.81 -32.73
C ILE E 32 12.18 26.33 -32.64
N SER E 33 11.48 26.30 -33.79
CA SER E 33 10.18 26.94 -33.93
C SER E 33 9.18 26.34 -32.95
N VAL E 34 9.01 25.01 -33.01
CA VAL E 34 8.08 24.30 -32.16
C VAL E 34 8.80 23.12 -31.50
N MET E 35 8.44 22.86 -30.24
CA MET E 35 8.87 21.66 -29.55
C MET E 35 7.71 21.16 -28.67
N GLY E 36 7.72 19.86 -28.35
CA GLY E 36 6.65 19.27 -27.57
C GLY E 36 6.97 17.87 -27.05
N TRP E 37 6.15 17.43 -26.07
CA TRP E 37 6.28 16.15 -25.42
C TRP E 37 5.14 15.24 -25.84
N TYR E 38 5.47 14.00 -26.24
CA TYR E 38 4.47 13.02 -26.63
C TYR E 38 4.52 11.85 -25.66
N ARG E 39 3.33 11.36 -25.29
CA ARG E 39 3.17 10.14 -24.53
C ARG E 39 2.78 9.05 -25.54
N GLN E 40 3.39 7.85 -25.41
CA GLN E 40 2.93 6.71 -26.16
C GLN E 40 2.90 5.48 -25.25
N VAL E 41 1.74 4.81 -25.32
CA VAL E 41 1.49 3.54 -24.67
C VAL E 41 1.14 2.55 -25.78
N PRO E 42 1.14 1.22 -25.52
CA PRO E 42 0.67 0.23 -26.50
C PRO E 42 -0.72 0.53 -27.08
N GLY E 43 -0.82 0.53 -28.42
CA GLY E 43 -2.07 0.74 -29.13
C GLY E 43 -2.40 2.22 -29.37
N THR E 44 -1.48 3.14 -29.03
CA THR E 44 -1.74 4.56 -29.16
C THR E 44 -0.54 5.24 -29.82
N GLN E 45 -0.82 5.95 -30.93
CA GLN E 45 0.20 6.70 -31.67
C GLN E 45 0.62 7.89 -30.81
N TYR E 46 1.92 8.21 -30.81
CA TYR E 46 2.45 9.37 -30.11
C TYR E 46 1.39 10.45 -29.93
N GLU E 47 0.90 10.63 -28.69
CA GLU E 47 -0.09 11.64 -28.35
C GLU E 47 0.60 12.88 -27.80
N LEU E 48 0.35 14.04 -28.42
CA LEU E 48 0.96 15.27 -27.94
C LEU E 48 0.31 15.70 -26.62
N VAL E 49 1.16 15.79 -25.60
CA VAL E 49 0.79 16.11 -24.23
C VAL E 49 0.89 17.63 -24.02
N ALA E 50 1.97 18.22 -24.53
CA ALA E 50 2.24 19.64 -24.36
C ALA E 50 3.20 20.09 -25.46
N GLY E 51 3.02 21.34 -25.89
CA GLY E 51 3.85 21.95 -26.92
C GLY E 51 4.25 23.37 -26.53
N ILE E 52 5.35 23.86 -27.14
CA ILE E 52 5.84 25.20 -26.87
C ILE E 52 6.46 25.79 -28.14
N SER E 53 6.03 27.01 -28.48
CA SER E 53 6.52 27.75 -29.63
C SER E 53 7.83 28.44 -29.26
N ARG E 54 8.59 28.85 -30.29
CA ARG E 54 9.82 29.60 -30.13
C ARG E 54 9.56 30.90 -29.38
N GLY E 55 8.37 31.49 -29.59
CA GLY E 55 7.97 32.72 -28.93
C GLY E 55 7.77 32.55 -27.42
N GLY E 56 7.30 31.37 -27.00
CA GLY E 56 6.99 31.09 -25.61
C GLY E 56 5.56 30.60 -25.41
N SER E 57 4.77 30.55 -26.49
CA SER E 57 3.41 30.05 -26.45
C SER E 57 3.44 28.58 -26.04
N THR E 58 2.43 28.15 -25.26
CA THR E 58 2.32 26.78 -24.80
C THR E 58 0.95 26.21 -25.13
N TRP E 59 0.89 24.89 -25.38
CA TRP E 59 -0.37 24.18 -25.52
C TRP E 59 -0.34 22.93 -24.64
N TYR E 60 -1.53 22.51 -24.18
CA TYR E 60 -1.67 21.35 -23.31
C TYR E 60 -2.91 20.53 -23.69
N GLU E 61 -2.74 19.21 -23.79
CA GLU E 61 -3.86 18.27 -23.86
C GLU E 61 -4.74 18.53 -22.64
N ASP E 62 -6.04 18.24 -22.75
CA ASP E 62 -6.98 18.60 -21.69
C ASP E 62 -6.67 17.79 -20.43
N SER E 63 -6.38 16.49 -20.61
CA SER E 63 -6.11 15.55 -19.53
C SER E 63 -5.11 16.16 -18.54
N VAL E 64 -4.08 16.83 -19.08
CA VAL E 64 -2.91 17.22 -18.33
C VAL E 64 -2.96 18.69 -17.93
N LYS E 65 -4.00 19.43 -18.35
CA LYS E 65 -4.10 20.86 -18.06
C LYS E 65 -4.07 21.08 -16.55
N GLY E 66 -3.23 22.03 -16.10
CA GLY E 66 -3.14 22.40 -14.70
C GLY E 66 -2.22 21.51 -13.87
N ARG E 67 -1.71 20.42 -14.46
CA ARG E 67 -0.89 19.43 -13.77
C ARG E 67 0.52 19.43 -14.35
N PHE E 68 0.62 19.37 -15.68
CA PHE E 68 1.89 19.39 -16.39
C PHE E 68 2.24 20.82 -16.78
N THR E 69 3.55 21.09 -16.91
CA THR E 69 4.04 22.42 -17.20
C THR E 69 5.31 22.35 -18.05
N ILE E 70 5.15 22.59 -19.35
CA ILE E 70 6.26 22.61 -20.29
C ILE E 70 6.99 23.94 -20.14
N SER E 71 8.32 23.89 -20.24
CA SER E 71 9.16 25.07 -20.15
C SER E 71 10.49 24.80 -20.85
N ARG E 72 11.22 25.89 -21.14
CA ARG E 72 12.50 25.78 -21.81
C ARG E 72 13.51 26.71 -21.13
N ASP E 73 14.75 26.24 -21.05
CA ASP E 73 15.86 27.01 -20.51
C ASP E 73 16.94 27.06 -21.60
N ASN E 74 16.87 28.09 -22.46
CA ASN E 74 17.75 28.23 -23.61
C ASN E 74 19.19 28.38 -23.14
N ALA E 75 19.36 28.95 -21.94
CA ALA E 75 20.66 29.02 -21.27
C ALA E 75 21.29 27.63 -21.21
N LYS E 76 20.56 26.66 -20.66
CA LYS E 76 21.07 25.31 -20.41
C LYS E 76 20.63 24.34 -21.51
N ASN E 77 20.14 24.87 -22.65
CA ASN E 77 19.74 24.09 -23.82
C ASN E 77 18.91 22.86 -23.43
N THR E 78 17.90 23.07 -22.57
CA THR E 78 17.09 21.98 -22.04
C THR E 78 15.60 22.34 -22.04
N LEU E 79 14.79 21.35 -22.41
CA LEU E 79 13.34 21.44 -22.38
C LEU E 79 12.82 20.54 -21.26
N TYR E 80 11.80 21.03 -20.53
CA TYR E 80 11.32 20.36 -19.34
C TYR E 80 9.83 20.08 -19.47
N LEU E 81 9.37 19.02 -18.79
CA LEU E 81 7.97 18.81 -18.52
C LEU E 81 7.79 18.48 -17.04
N GLN E 82 7.30 19.45 -16.27
CA GLN E 82 7.05 19.29 -14.86
C GLN E 82 5.68 18.65 -14.70
N MET E 83 5.68 17.38 -14.22
CA MET E 83 4.49 16.56 -14.12
C MET E 83 4.05 16.45 -12.66
N ASN E 84 2.82 16.92 -12.34
CA ASN E 84 2.31 16.86 -10.98
C ASN E 84 1.00 16.08 -10.93
N SER E 85 0.69 15.59 -9.73
CA SER E 85 -0.58 14.93 -9.44
C SER E 85 -0.78 13.78 -10.42
N LEU E 86 0.25 12.95 -10.55
CA LEU E 86 0.31 11.94 -11.60
C LEU E 86 -0.77 10.88 -11.35
N LYS E 87 -1.48 10.55 -12.42
CA LYS E 87 -2.43 9.44 -12.42
C LYS E 87 -1.75 8.24 -13.07
N PRO E 88 -2.28 7.01 -12.87
CA PRO E 88 -1.87 5.85 -13.68
C PRO E 88 -2.08 6.03 -15.18
N GLU E 89 -3.11 6.81 -15.55
CA GLU E 89 -3.41 7.19 -16.94
C GLU E 89 -2.20 7.81 -17.62
N ASP E 90 -1.32 8.47 -16.83
CA ASP E 90 -0.15 9.15 -17.35
C ASP E 90 1.02 8.21 -17.61
N THR E 91 0.89 6.95 -17.17
CA THR E 91 1.89 5.93 -17.47
C THR E 91 2.09 5.85 -18.99
N GLY E 92 3.35 5.67 -19.40
CA GLY E 92 3.69 5.58 -20.80
C GLY E 92 5.12 6.09 -21.06
N MET E 93 5.60 5.84 -22.28
CA MET E 93 6.92 6.27 -22.71
C MET E 93 6.80 7.68 -23.26
N TYR E 94 7.57 8.61 -22.70
CA TYR E 94 7.48 10.01 -23.07
C TYR E 94 8.65 10.40 -23.96
N TYR E 95 8.32 10.93 -25.14
CA TYR E 95 9.29 11.45 -26.10
C TYR E 95 9.19 12.97 -26.19
N CYS E 96 10.31 13.63 -26.50
CA CYS E 96 10.36 15.04 -26.84
C CYS E 96 10.80 15.14 -28.29
N ALA E 97 10.30 16.17 -29.00
CA ALA E 97 10.53 16.33 -30.44
C ALA E 97 10.31 17.78 -30.83
N GLY E 98 11.13 18.25 -31.79
CA GLY E 98 11.04 19.62 -32.27
C GLY E 98 11.64 19.82 -33.66
N GLY E 99 11.36 21.00 -34.23
CA GLY E 99 11.74 21.36 -35.58
C GLY E 99 11.11 22.68 -36.01
N ASP E 100 11.33 23.07 -37.27
CA ASP E 100 10.66 24.21 -37.89
C ASP E 100 9.57 23.67 -38.80
N TYR E 101 8.69 24.58 -39.26
CA TYR E 101 7.44 24.22 -39.92
C TYR E 101 7.68 23.57 -41.29
N SER E 102 8.89 23.75 -41.83
CA SER E 102 9.27 23.11 -43.08
C SER E 102 9.63 21.63 -42.87
N ASP E 103 9.90 21.23 -41.62
CA ASP E 103 10.32 19.87 -41.30
C ASP E 103 9.11 18.93 -41.28
N ARG E 104 9.28 17.75 -41.88
CA ARG E 104 8.23 16.75 -42.00
C ARG E 104 8.10 15.96 -40.68
N LEU E 105 9.24 15.49 -40.13
CA LEU E 105 9.25 14.73 -38.88
C LEU E 105 9.71 15.59 -37.70
N GLY E 106 10.85 16.27 -37.87
CA GLY E 106 11.57 16.89 -36.75
C GLY E 106 12.51 15.91 -36.06
N SER E 107 13.30 16.43 -35.11
CA SER E 107 14.17 15.61 -34.30
C SER E 107 13.37 15.02 -33.13
N TRP E 108 13.57 13.73 -32.84
CA TRP E 108 12.87 13.08 -31.75
C TRP E 108 13.80 12.78 -30.59
N GLY E 109 14.13 11.50 -30.35
CA GLY E 109 14.76 11.14 -29.09
C GLY E 109 14.24 9.78 -28.64
N GLN E 110 15.06 9.03 -27.90
CA GLN E 110 14.77 7.64 -27.57
C GLN E 110 13.58 7.53 -26.61
N GLY E 111 13.33 8.58 -25.83
CA GLY E 111 12.20 8.61 -24.92
C GLY E 111 12.60 8.23 -23.48
N THR E 112 11.69 8.48 -22.52
CA THR E 112 11.92 8.18 -21.12
C THR E 112 10.63 7.66 -20.49
N GLN E 113 10.75 6.51 -19.78
CA GLN E 113 9.59 5.79 -19.29
C GLN E 113 9.09 6.44 -17.99
N VAL E 114 7.77 6.71 -17.97
CA VAL E 114 7.08 7.18 -16.78
C VAL E 114 6.06 6.11 -16.37
N THR E 115 6.25 5.51 -15.19
CA THR E 115 5.32 4.54 -14.64
C THR E 115 4.71 5.12 -13.36
N VAL E 116 3.38 5.04 -13.22
CA VAL E 116 2.64 5.61 -12.09
C VAL E 116 1.70 4.55 -11.52
N SER E 117 1.93 4.07 -10.29
CA SER E 117 1.23 2.93 -9.76
C SER E 117 0.38 3.27 -8.52
N SER E 118 -0.68 2.48 -8.33
CA SER E 118 -1.72 2.73 -7.35
C SER E 118 -2.15 1.40 -6.71
N GLU F 2 -33.80 28.93 7.12
CA GLU F 2 -35.24 28.67 6.84
C GLU F 2 -35.43 27.26 6.30
N VAL F 3 -34.68 26.93 5.22
CA VAL F 3 -34.66 25.57 4.66
C VAL F 3 -33.56 24.79 5.36
N GLN F 4 -33.84 23.51 5.66
CA GLN F 4 -32.91 22.61 6.34
C GLN F 4 -32.11 21.85 5.28
N LEU F 5 -30.80 21.72 5.51
CA LEU F 5 -29.86 21.11 4.57
C LEU F 5 -29.10 19.98 5.27
N VAL F 6 -28.94 18.84 4.59
CA VAL F 6 -28.21 17.74 5.19
C VAL F 6 -27.30 17.11 4.13
N GLU F 7 -25.99 17.13 4.44
CA GLU F 7 -24.97 16.64 3.53
C GLU F 7 -24.76 15.14 3.75
N SER F 8 -24.27 14.46 2.71
CA SER F 8 -23.91 13.05 2.79
C SER F 8 -22.96 12.71 1.64
N GLY F 9 -22.54 11.44 1.58
CA GLY F 9 -21.80 10.93 0.43
C GLY F 9 -20.28 10.90 0.66
N GLY F 10 -19.85 11.41 1.82
CA GLY F 10 -18.45 11.39 2.20
C GLY F 10 -18.02 9.99 2.64
N GLY F 11 -16.73 9.89 2.97
CA GLY F 11 -16.11 8.63 3.36
C GLY F 11 -14.59 8.64 3.13
N LEU F 12 -14.01 7.44 3.13
CA LEU F 12 -12.57 7.26 3.06
C LEU F 12 -12.21 6.64 1.71
N VAL F 13 -11.35 7.34 0.93
CA VAL F 13 -10.89 6.77 -0.33
C VAL F 13 -9.39 6.97 -0.48
N GLN F 14 -8.73 6.07 -1.23
CA GLN F 14 -7.33 6.20 -1.57
C GLN F 14 -7.14 7.35 -2.55
N THR F 15 -5.99 8.04 -2.42
CA THR F 15 -5.63 9.15 -3.28
C THR F 15 -5.88 8.78 -4.74
N GLY F 16 -6.48 9.73 -5.47
CA GLY F 16 -6.78 9.53 -6.89
C GLY F 16 -8.20 9.02 -7.10
N GLY F 17 -8.82 8.48 -6.04
CA GLY F 17 -10.20 8.02 -6.10
C GLY F 17 -11.20 9.17 -6.27
N SER F 18 -12.48 8.79 -6.34
CA SER F 18 -13.58 9.72 -6.46
C SER F 18 -14.60 9.44 -5.35
N LEU F 19 -15.41 10.45 -5.05
CA LEU F 19 -16.72 10.23 -4.45
C LEU F 19 -17.62 11.41 -4.79
N ARG F 20 -18.90 11.33 -4.41
CA ARG F 20 -19.85 12.37 -4.72
C ARG F 20 -20.65 12.76 -3.49
N LEU F 21 -20.64 14.06 -3.19
CA LEU F 21 -21.37 14.62 -2.05
C LEU F 21 -22.77 15.01 -2.50
N SER F 22 -23.75 14.80 -1.60
CA SER F 22 -25.13 15.21 -1.80
C SER F 22 -25.53 16.07 -0.61
N CYS F 23 -26.44 17.02 -0.86
CA CYS F 23 -26.99 17.87 0.18
C CYS F 23 -28.45 18.10 -0.19
N THR F 24 -29.35 17.45 0.54
CA THR F 24 -30.78 17.51 0.24
C THR F 24 -31.46 18.53 1.14
N ALA F 25 -32.46 19.19 0.55
CA ALA F 25 -33.10 20.33 1.16
C ALA F 25 -34.54 19.97 1.52
N SER F 26 -35.00 20.50 2.66
CA SER F 26 -36.38 20.39 3.07
C SER F 26 -37.27 21.26 2.17
N GLY F 27 -36.72 22.36 1.66
CA GLY F 27 -37.41 23.25 0.74
C GLY F 27 -36.96 23.05 -0.71
N SER F 28 -37.59 23.79 -1.62
CA SER F 28 -37.25 23.75 -3.04
C SER F 28 -35.88 24.39 -3.25
N ILE F 29 -34.93 23.61 -3.78
CA ILE F 29 -33.57 24.17 -3.85
C ILE F 29 -33.38 25.02 -5.10
N GLY F 30 -34.19 24.78 -6.13
CA GLY F 30 -34.16 25.57 -7.36
C GLY F 30 -34.42 27.06 -7.12
N SER F 31 -35.05 27.39 -5.98
CA SER F 31 -35.45 28.76 -5.67
C SER F 31 -34.49 29.44 -4.68
N ILE F 32 -33.27 28.90 -4.54
CA ILE F 32 -32.26 29.49 -3.67
C ILE F 32 -31.24 30.21 -4.57
N SER F 33 -30.95 31.47 -4.23
CA SER F 33 -30.16 32.36 -5.08
C SER F 33 -28.76 31.78 -5.30
N VAL F 34 -28.06 31.51 -4.18
CA VAL F 34 -26.71 30.99 -4.22
C VAL F 34 -26.62 29.78 -3.29
N MET F 35 -25.83 28.79 -3.73
CA MET F 35 -25.46 27.67 -2.89
C MET F 35 -24.01 27.29 -3.18
N GLY F 36 -23.35 26.63 -2.21
CA GLY F 36 -21.95 26.25 -2.37
C GLY F 36 -21.47 25.26 -1.31
N TRP F 37 -20.31 24.65 -1.61
CA TRP F 37 -19.68 23.66 -0.76
C TRP F 37 -18.42 24.25 -0.13
N TYR F 38 -18.28 24.09 1.18
CA TYR F 38 -17.13 24.58 1.90
C TYR F 38 -16.39 23.39 2.50
N ARG F 39 -15.06 23.46 2.42
CA ARG F 39 -14.16 22.52 3.09
C ARG F 39 -13.64 23.20 4.33
N GLN F 40 -13.57 22.47 5.45
CA GLN F 40 -12.91 22.97 6.63
C GLN F 40 -12.08 21.87 7.27
N VAL F 41 -10.84 22.23 7.56
CA VAL F 41 -9.89 21.41 8.31
C VAL F 41 -9.51 22.22 9.55
N PRO F 42 -8.87 21.62 10.58
CA PRO F 42 -8.34 22.39 11.71
C PRO F 42 -7.44 23.56 11.32
N GLY F 43 -7.76 24.74 11.86
CA GLY F 43 -6.97 25.95 11.64
C GLY F 43 -7.39 26.73 10.38
N THR F 44 -8.47 26.29 9.71
CA THR F 44 -8.90 26.94 8.48
C THR F 44 -10.41 27.18 8.51
N GLN F 45 -10.79 28.45 8.35
CA GLN F 45 -12.21 28.83 8.33
C GLN F 45 -12.83 28.32 7.05
N TYR F 46 -14.07 27.84 7.12
CA TYR F 46 -14.83 27.36 5.98
C TYR F 46 -14.33 28.00 4.68
N GLU F 47 -13.64 27.19 3.85
CA GLU F 47 -13.12 27.63 2.56
C GLU F 47 -14.08 27.22 1.45
N LEU F 48 -14.54 28.18 0.65
CA LEU F 48 -15.46 27.87 -0.44
C LEU F 48 -14.72 27.15 -1.57
N VAL F 49 -15.18 25.93 -1.84
CA VAL F 49 -14.63 25.02 -2.83
C VAL F 49 -15.32 25.25 -4.18
N ALA F 50 -16.65 25.38 -4.16
CA ALA F 50 -17.44 25.54 -5.36
C ALA F 50 -18.77 26.18 -5.00
N GLY F 51 -19.30 26.99 -5.92
CA GLY F 51 -20.57 27.69 -5.74
C GLY F 51 -21.42 27.60 -7.01
N ILE F 52 -22.74 27.79 -6.85
CA ILE F 52 -23.68 27.73 -7.95
C ILE F 52 -24.83 28.72 -7.72
N SER F 53 -25.08 29.55 -8.74
CA SER F 53 -26.16 30.53 -8.71
C SER F 53 -27.47 29.85 -9.09
N ARG F 54 -28.59 30.52 -8.77
CA ARG F 54 -29.92 30.07 -9.12
C ARG F 54 -30.05 29.94 -10.64
N GLY F 55 -29.35 30.80 -11.39
CA GLY F 55 -29.35 30.77 -12.84
C GLY F 55 -28.68 29.52 -13.42
N GLY F 56 -27.65 29.02 -12.72
CA GLY F 56 -26.87 27.89 -13.20
C GLY F 56 -25.37 28.19 -13.27
N SER F 57 -24.99 29.44 -12.98
CA SER F 57 -23.59 29.84 -12.98
C SER F 57 -22.87 29.06 -11.90
N THR F 58 -21.60 28.72 -12.15
CA THR F 58 -20.78 27.96 -11.23
C THR F 58 -19.45 28.68 -10.99
N TRP F 59 -18.90 28.54 -9.78
CA TRP F 59 -17.55 28.99 -9.46
C TRP F 59 -16.77 27.87 -8.79
N TYR F 60 -15.44 27.86 -8.97
CA TYR F 60 -14.56 26.85 -8.41
C TYR F 60 -13.26 27.45 -7.91
N GLU F 61 -12.85 27.08 -6.69
CA GLU F 61 -11.51 27.34 -6.18
C GLU F 61 -10.53 26.75 -7.19
N ASP F 62 -9.32 27.34 -7.29
CA ASP F 62 -8.39 26.95 -8.34
C ASP F 62 -7.93 25.52 -8.11
N SER F 63 -7.64 25.17 -6.86
CA SER F 63 -7.15 23.86 -6.47
C SER F 63 -7.98 22.75 -7.11
N VAL F 64 -9.30 22.96 -7.14
CA VAL F 64 -10.26 21.92 -7.46
C VAL F 64 -10.76 22.03 -8.90
N LYS F 65 -10.31 23.05 -9.65
CA LYS F 65 -10.78 23.27 -11.01
C LYS F 65 -10.47 22.03 -11.86
N GLY F 66 -11.47 21.57 -12.62
CA GLY F 66 -11.30 20.44 -13.53
C GLY F 66 -11.46 19.07 -12.86
N ARG F 67 -11.58 19.05 -11.52
CA ARG F 67 -11.66 17.82 -10.75
C ARG F 67 -13.02 17.69 -10.08
N PHE F 68 -13.45 18.77 -9.41
CA PHE F 68 -14.76 18.84 -8.76
C PHE F 68 -15.79 19.43 -9.71
N THR F 69 -17.07 19.07 -9.49
CA THR F 69 -18.15 19.48 -10.37
C THR F 69 -19.43 19.63 -9.57
N ILE F 70 -19.79 20.88 -9.25
CA ILE F 70 -21.01 21.20 -8.54
C ILE F 70 -22.18 21.15 -9.52
N SER F 71 -23.32 20.62 -9.06
CA SER F 71 -24.53 20.52 -9.86
C SER F 71 -25.75 20.46 -8.94
N ARG F 72 -26.93 20.70 -9.52
CA ARG F 72 -28.17 20.68 -8.77
C ARG F 72 -29.24 19.95 -9.58
N ASP F 73 -30.08 19.20 -8.86
CA ASP F 73 -31.21 18.48 -9.43
C ASP F 73 -32.46 18.93 -8.68
N ASN F 74 -33.09 20.01 -9.21
CA ASN F 74 -34.22 20.65 -8.56
C ASN F 74 -35.39 19.66 -8.48
N ALA F 75 -35.45 18.74 -9.44
CA ALA F 75 -36.39 17.63 -9.42
C ALA F 75 -36.32 16.90 -8.08
N LYS F 76 -35.10 16.44 -7.70
CA LYS F 76 -34.98 15.65 -6.47
C LYS F 76 -34.42 16.47 -5.32
N ASN F 77 -34.54 17.80 -5.42
CA ASN F 77 -34.18 18.75 -4.37
C ASN F 77 -32.82 18.42 -3.72
N THR F 78 -31.81 18.19 -4.58
CA THR F 78 -30.49 17.77 -4.13
C THR F 78 -29.38 18.52 -4.86
N LEU F 79 -28.35 18.91 -4.08
CA LEU F 79 -27.16 19.54 -4.60
C LEU F 79 -26.00 18.55 -4.47
N TYR F 80 -25.13 18.52 -5.50
CA TYR F 80 -24.08 17.53 -5.59
C TYR F 80 -22.72 18.22 -5.72
N LEU F 81 -21.68 17.52 -5.24
CA LEU F 81 -20.30 17.84 -5.59
C LEU F 81 -19.59 16.57 -6.00
N GLN F 82 -19.36 16.42 -7.32
CA GLN F 82 -18.68 15.26 -7.87
C GLN F 82 -17.18 15.53 -7.79
N MET F 83 -16.49 14.76 -6.93
CA MET F 83 -15.09 14.95 -6.60
C MET F 83 -14.25 13.86 -7.27
N ASN F 84 -13.32 14.26 -8.16
CA ASN F 84 -12.47 13.30 -8.86
C ASN F 84 -10.99 13.59 -8.60
N SER F 85 -10.17 12.55 -8.79
CA SER F 85 -8.72 12.66 -8.72
C SER F 85 -8.32 13.26 -7.37
N LEU F 86 -8.88 12.68 -6.30
CA LEU F 86 -8.80 13.26 -4.97
C LEU F 86 -7.34 13.21 -4.48
N LYS F 87 -6.89 14.35 -3.93
CA LYS F 87 -5.61 14.43 -3.26
C LYS F 87 -5.85 14.33 -1.75
N PRO F 88 -4.81 14.03 -0.94
CA PRO F 88 -4.88 14.20 0.52
C PRO F 88 -5.20 15.62 0.96
N GLU F 89 -4.78 16.61 0.17
CA GLU F 89 -5.08 18.03 0.36
C GLU F 89 -6.58 18.27 0.46
N ASP F 90 -7.39 17.41 -0.17
CA ASP F 90 -8.84 17.55 -0.20
C ASP F 90 -9.49 16.98 1.06
N THR F 91 -8.71 16.28 1.89
CA THR F 91 -9.21 15.82 3.17
C THR F 91 -9.78 17.00 3.96
N GLY F 92 -10.90 16.75 4.65
CA GLY F 92 -11.56 17.76 5.46
C GLY F 92 -13.06 17.50 5.54
N MET F 93 -13.71 18.26 6.43
CA MET F 93 -15.15 18.18 6.64
C MET F 93 -15.81 19.13 5.64
N TYR F 94 -16.73 18.59 4.83
CA TYR F 94 -17.36 19.35 3.76
C TYR F 94 -18.80 19.70 4.16
N TYR F 95 -19.08 21.01 4.14
CA TYR F 95 -20.40 21.55 4.40
C TYR F 95 -21.00 22.13 3.11
N CYS F 96 -22.33 22.08 3.00
CA CYS F 96 -23.09 22.77 1.96
C CYS F 96 -23.93 23.83 2.65
N ALA F 97 -24.14 24.95 1.95
CA ALA F 97 -24.81 26.12 2.51
C ALA F 97 -25.38 26.98 1.38
N GLY F 98 -26.56 27.57 1.64
CA GLY F 98 -27.22 28.42 0.65
C GLY F 98 -28.21 29.40 1.28
N GLY F 99 -28.66 30.34 0.44
CA GLY F 99 -29.55 31.42 0.84
C GLY F 99 -29.72 32.45 -0.28
N ASP F 100 -30.45 33.53 0.01
CA ASP F 100 -30.53 34.70 -0.87
C ASP F 100 -29.61 35.77 -0.29
N TYR F 101 -29.36 36.81 -1.10
CA TYR F 101 -28.31 37.79 -0.85
C TYR F 101 -28.63 38.66 0.38
N SER F 102 -29.91 38.66 0.79
CA SER F 102 -30.34 39.38 1.98
C SER F 102 -29.99 38.59 3.25
N ASP F 103 -29.72 37.28 3.13
CA ASP F 103 -29.39 36.42 4.26
C ASP F 103 -27.95 36.65 4.73
N ARG F 104 -27.79 36.74 6.06
CA ARG F 104 -26.51 37.09 6.67
C ARG F 104 -25.64 35.83 6.77
N LEU F 105 -26.20 34.71 7.24
CA LEU F 105 -25.49 33.43 7.36
C LEU F 105 -25.86 32.48 6.22
N GLY F 106 -27.17 32.30 5.98
CA GLY F 106 -27.67 31.23 5.14
C GLY F 106 -27.89 29.94 5.93
N SER F 107 -28.53 28.95 5.28
CA SER F 107 -28.70 27.63 5.87
C SER F 107 -27.44 26.81 5.63
N TRP F 108 -26.98 26.09 6.66
CA TRP F 108 -25.77 25.27 6.53
C TRP F 108 -26.11 23.78 6.54
N GLY F 109 -25.78 23.07 7.60
CA GLY F 109 -25.80 21.62 7.54
C GLY F 109 -24.65 21.05 8.35
N GLN F 110 -24.82 19.84 8.87
CA GLN F 110 -23.92 19.25 9.84
C GLN F 110 -22.56 18.93 9.19
N GLY F 111 -22.54 18.69 7.87
CA GLY F 111 -21.33 18.43 7.12
C GLY F 111 -21.07 16.93 6.93
N THR F 112 -20.12 16.59 6.05
CA THR F 112 -19.79 15.21 5.72
C THR F 112 -18.27 15.09 5.54
N GLN F 113 -17.68 14.11 6.24
CA GLN F 113 -16.23 13.96 6.30
C GLN F 113 -15.71 13.27 5.05
N VAL F 114 -14.71 13.91 4.42
CA VAL F 114 -13.98 13.33 3.29
C VAL F 114 -12.53 13.11 3.72
N THR F 115 -12.10 11.84 3.77
CA THR F 115 -10.73 11.49 4.08
C THR F 115 -10.10 10.84 2.85
N VAL F 116 -8.88 11.27 2.49
CA VAL F 116 -8.17 10.81 1.31
C VAL F 116 -6.74 10.44 1.70
N SER F 117 -6.38 9.14 1.65
CA SER F 117 -5.13 8.66 2.21
C SER F 117 -4.20 8.07 1.15
N SER F 118 -2.90 8.02 1.48
CA SER F 118 -1.83 7.82 0.51
C SER F 118 -0.75 6.89 1.09
N GLN G 4 -22.84 -34.44 7.21
CA GLN G 4 -22.61 -33.23 6.39
C GLN G 4 -21.67 -32.29 7.15
N LEU G 5 -20.68 -31.75 6.42
CA LEU G 5 -19.69 -30.82 6.95
C LEU G 5 -19.72 -29.52 6.14
N VAL G 6 -19.68 -28.38 6.83
CA VAL G 6 -19.78 -27.09 6.14
C VAL G 6 -18.74 -26.14 6.74
N GLU G 7 -17.77 -25.73 5.91
CA GLU G 7 -16.69 -24.87 6.35
C GLU G 7 -17.11 -23.40 6.19
N SER G 8 -16.49 -22.53 7.00
CA SER G 8 -16.70 -21.10 6.89
C SER G 8 -15.54 -20.38 7.57
N GLY G 9 -15.57 -19.03 7.56
CA GLY G 9 -14.64 -18.22 8.32
C GLY G 9 -13.47 -17.70 7.48
N GLY G 10 -13.40 -18.14 6.21
CA GLY G 10 -12.39 -17.70 5.28
C GLY G 10 -12.68 -16.27 4.80
N GLY G 11 -11.71 -15.72 4.05
CA GLY G 11 -11.80 -14.36 3.55
C GLY G 11 -10.45 -13.83 3.07
N LEU G 12 -10.39 -12.51 2.87
CA LEU G 12 -9.22 -11.85 2.32
C LEU G 12 -8.56 -11.00 3.42
N VAL G 13 -7.29 -11.29 3.73
CA VAL G 13 -6.61 -10.62 4.82
C VAL G 13 -5.18 -10.31 4.39
N GLN G 14 -4.62 -9.22 4.94
CA GLN G 14 -3.28 -8.79 4.61
C GLN G 14 -2.28 -9.74 5.26
N THR G 15 -1.12 -9.92 4.61
CA THR G 15 -0.04 -10.74 5.16
C THR G 15 0.21 -10.38 6.62
N GLY G 16 0.36 -11.39 7.48
CA GLY G 16 0.59 -11.20 8.89
C GLY G 16 -0.70 -11.20 9.72
N GLY G 17 -1.84 -11.00 9.04
CA GLY G 17 -3.13 -11.01 9.70
C GLY G 17 -3.54 -12.40 10.18
N SER G 18 -4.74 -12.48 10.77
CA SER G 18 -5.29 -13.73 11.27
C SER G 18 -6.70 -13.90 10.72
N LEU G 19 -7.18 -15.15 10.71
CA LEU G 19 -8.61 -15.43 10.71
C LEU G 19 -8.83 -16.83 11.30
N ARG G 20 -10.09 -17.22 11.47
CA ARG G 20 -10.41 -18.50 12.08
C ARG G 20 -11.48 -19.24 11.28
N LEU G 21 -11.15 -20.49 10.91
CA LEU G 21 -12.04 -21.34 10.14
C LEU G 21 -12.92 -22.15 11.09
N SER G 22 -14.19 -22.36 10.69
CA SER G 22 -15.12 -23.22 11.39
C SER G 22 -15.65 -24.25 10.40
N CYS G 23 -15.99 -25.44 10.92
CA CYS G 23 -16.58 -26.51 10.11
C CYS G 23 -17.57 -27.22 11.02
N THR G 24 -18.86 -27.02 10.78
CA THR G 24 -19.89 -27.59 11.63
C THR G 24 -20.44 -28.85 10.99
N ALA G 25 -20.80 -29.80 11.88
CA ALA G 25 -21.23 -31.13 11.47
C ALA G 25 -22.72 -31.30 11.77
N SER G 26 -23.41 -32.01 10.87
CA SER G 26 -24.80 -32.39 11.08
C SER G 26 -24.89 -33.47 12.17
N GLY G 27 -23.83 -34.28 12.30
CA GLY G 27 -23.74 -35.31 13.34
C GLY G 27 -22.87 -34.86 14.52
N SER G 28 -22.88 -35.66 15.59
CA SER G 28 -22.10 -35.37 16.79
C SER G 28 -20.61 -35.53 16.48
N ILE G 29 -19.86 -34.44 16.68
CA ILE G 29 -18.50 -34.32 16.22
C ILE G 29 -17.55 -35.10 17.14
N GLY G 30 -17.89 -35.13 18.43
CA GLY G 30 -17.06 -35.79 19.43
C GLY G 30 -16.85 -37.27 19.18
N SER G 31 -17.74 -37.87 18.37
CA SER G 31 -17.73 -39.30 18.13
C SER G 31 -17.09 -39.66 16.78
N ILE G 32 -16.33 -38.72 16.18
CA ILE G 32 -15.61 -38.99 14.95
C ILE G 32 -14.12 -39.20 15.29
N SER G 33 -13.56 -40.29 14.75
CA SER G 33 -12.23 -40.73 15.15
C SER G 33 -11.20 -39.69 14.76
N VAL G 34 -11.19 -39.31 13.47
CA VAL G 34 -10.18 -38.40 12.94
C VAL G 34 -10.85 -37.28 12.16
N MET G 35 -10.28 -36.07 12.29
CA MET G 35 -10.69 -34.94 11.46
C MET G 35 -9.46 -34.08 11.17
N GLY G 36 -9.51 -33.28 10.08
CA GLY G 36 -8.42 -32.39 9.73
C GLY G 36 -8.78 -31.38 8.64
N TRP G 37 -7.89 -30.38 8.49
CA TRP G 37 -8.04 -29.30 7.53
C TRP G 37 -7.04 -29.46 6.40
N TYR G 38 -7.52 -29.38 5.16
CA TYR G 38 -6.66 -29.46 3.99
C TYR G 38 -6.68 -28.13 3.24
N ARG G 39 -5.50 -27.71 2.79
CA ARG G 39 -5.34 -26.58 1.90
C ARG G 39 -5.16 -27.14 0.48
N GLN G 40 -5.83 -26.53 -0.50
CA GLN G 40 -5.58 -26.89 -1.89
C GLN G 40 -5.56 -25.63 -2.75
N VAL G 41 -4.52 -25.56 -3.59
CA VAL G 41 -4.43 -24.56 -4.66
C VAL G 41 -4.41 -25.31 -5.98
N PRO G 42 -4.66 -24.64 -7.14
CA PRO G 42 -4.54 -25.28 -8.45
C PRO G 42 -3.19 -25.98 -8.67
N GLY G 43 -3.26 -27.24 -9.09
CA GLY G 43 -2.08 -28.05 -9.39
C GLY G 43 -1.46 -28.74 -8.17
N THR G 44 -2.13 -28.67 -7.01
CA THR G 44 -1.61 -29.28 -5.79
C THR G 44 -2.72 -30.07 -5.10
N GLN G 45 -2.40 -31.35 -4.80
CA GLN G 45 -3.33 -32.25 -4.14
C GLN G 45 -3.58 -31.77 -2.70
N TYR G 46 -4.83 -31.87 -2.26
CA TYR G 46 -5.22 -31.57 -0.88
C TYR G 46 -4.04 -31.84 0.06
N GLU G 47 -3.46 -30.77 0.63
CA GLU G 47 -2.38 -30.88 1.59
C GLU G 47 -2.96 -30.81 3.00
N LEU G 48 -2.70 -31.82 3.85
CA LEU G 48 -3.14 -31.79 5.23
C LEU G 48 -2.31 -30.77 6.02
N VAL G 49 -3.02 -29.77 6.55
CA VAL G 49 -2.45 -28.65 7.28
C VAL G 49 -2.40 -29.00 8.77
N ALA G 50 -3.51 -29.58 9.27
CA ALA G 50 -3.62 -29.93 10.67
C ALA G 50 -4.68 -31.03 10.81
N GLY G 51 -4.47 -31.91 11.80
CA GLY G 51 -5.38 -33.02 12.08
C GLY G 51 -5.62 -33.16 13.59
N ILE G 52 -6.74 -33.81 13.96
CA ILE G 52 -7.09 -34.01 15.35
C ILE G 52 -7.82 -35.34 15.52
N SER G 53 -7.33 -36.13 16.48
CA SER G 53 -7.93 -37.42 16.84
C SER G 53 -9.11 -37.18 17.79
N ARG G 54 -9.98 -38.20 17.90
CA ARG G 54 -11.10 -38.19 18.82
C ARG G 54 -10.60 -38.02 20.27
N GLY G 55 -9.41 -38.56 20.57
CA GLY G 55 -8.81 -38.46 21.88
C GLY G 55 -8.41 -37.03 22.24
N GLY G 56 -7.99 -36.25 21.22
CA GLY G 56 -7.51 -34.89 21.43
C GLY G 56 -6.11 -34.68 20.86
N SER G 57 -5.50 -35.74 20.31
CA SER G 57 -4.19 -35.64 19.66
C SER G 57 -4.31 -34.70 18.47
N THR G 58 -3.24 -33.93 18.22
CA THR G 58 -3.20 -32.98 17.12
C THR G 58 -1.94 -33.21 16.30
N TRP G 59 -2.02 -32.96 14.98
CA TRP G 59 -0.86 -32.94 14.12
C TRP G 59 -0.86 -31.65 13.29
N TYR G 60 0.35 -31.17 12.93
CA TYR G 60 0.53 -29.96 12.16
C TYR G 60 1.64 -30.10 11.13
N GLU G 61 1.37 -29.70 9.88
CA GLU G 61 2.40 -29.50 8.87
C GLU G 61 3.46 -28.57 9.46
N ASP G 62 4.73 -28.69 9.04
CA ASP G 62 5.80 -27.92 9.67
C ASP G 62 5.62 -26.44 9.40
N SER G 63 5.24 -26.10 8.16
CA SER G 63 5.07 -24.71 7.72
C SER G 63 4.20 -23.94 8.71
N VAL G 64 3.15 -24.60 9.22
CA VAL G 64 2.10 -23.93 9.97
C VAL G 64 2.28 -24.13 11.49
N LYS G 65 3.31 -24.88 11.91
CA LYS G 65 3.53 -25.14 13.33
C LYS G 65 3.72 -23.80 14.06
N GLY G 66 3.03 -23.63 15.20
CA GLY G 66 3.16 -22.45 16.02
C GLY G 66 2.29 -21.27 15.57
N ARG G 67 1.63 -21.41 14.41
CA ARG G 67 0.84 -20.34 13.80
C ARG G 67 -0.64 -20.74 13.77
N PHE G 68 -0.90 -21.95 13.27
CA PHE G 68 -2.25 -22.50 13.19
C PHE G 68 -2.54 -23.34 14.43
N THR G 69 -3.83 -23.45 14.79
CA THR G 69 -4.23 -24.16 16.00
C THR G 69 -5.61 -24.80 15.79
N ILE G 70 -5.61 -26.12 15.55
CA ILE G 70 -6.83 -26.88 15.37
C ILE G 70 -7.43 -27.17 16.74
N SER G 71 -8.76 -27.11 16.82
CA SER G 71 -9.49 -27.43 18.04
C SER G 71 -10.91 -27.88 17.68
N ARG G 72 -11.59 -28.48 18.67
CA ARG G 72 -12.95 -28.95 18.48
C ARG G 72 -13.78 -28.57 19.72
N ASP G 73 -15.04 -28.22 19.47
CA ASP G 73 -16.01 -27.92 20.50
C ASP G 73 -17.20 -28.86 20.30
N ASN G 74 -17.12 -30.03 20.96
CA ASN G 74 -18.10 -31.10 20.81
C ASN G 74 -19.47 -30.62 21.25
N ALA G 75 -19.48 -29.68 22.23
CA ALA G 75 -20.68 -29.02 22.68
C ALA G 75 -21.43 -28.43 21.48
N LYS G 76 -20.73 -27.61 20.67
CA LYS G 76 -21.33 -26.86 19.58
C LYS G 76 -21.09 -27.55 18.24
N ASN G 77 -20.67 -28.83 18.26
CA ASN G 77 -20.47 -29.65 17.08
C ASN G 77 -19.70 -28.91 15.97
N THR G 78 -18.58 -28.26 16.35
CA THR G 78 -17.81 -27.42 15.44
C THR G 78 -16.31 -27.65 15.60
N LEU G 79 -15.62 -27.68 14.45
CA LEU G 79 -14.18 -27.80 14.38
C LEU G 79 -13.61 -26.47 13.89
N TYR G 80 -12.46 -26.07 14.47
CA TYR G 80 -11.89 -24.76 14.23
C TYR G 80 -10.45 -24.90 13.74
N LEU G 81 -10.00 -23.91 12.94
CA LEU G 81 -8.58 -23.71 12.67
C LEU G 81 -8.25 -22.24 12.86
N GLN G 82 -7.58 -21.92 13.98
CA GLN G 82 -7.15 -20.56 14.26
C GLN G 82 -5.83 -20.30 13.56
N MET G 83 -5.87 -19.41 12.55
CA MET G 83 -4.74 -19.13 11.68
C MET G 83 -4.13 -17.77 12.02
N ASN G 84 -2.84 -17.75 12.41
CA ASN G 84 -2.15 -16.52 12.75
C ASN G 84 -0.93 -16.31 11.88
N SER G 85 -0.48 -15.05 11.78
CA SER G 85 0.74 -14.67 11.11
C SER G 85 0.73 -15.20 9.67
N LEU G 86 -0.39 -14.92 8.98
CA LEU G 86 -0.66 -15.52 7.68
C LEU G 86 0.35 -15.04 6.65
N LYS G 87 0.90 -15.99 5.89
CA LYS G 87 1.74 -15.69 4.74
C LYS G 87 0.88 -15.80 3.47
N PRO G 88 1.34 -15.24 2.33
CA PRO G 88 0.75 -15.54 1.02
C PRO G 88 0.76 -17.03 0.65
N GLU G 89 1.78 -17.75 1.13
CA GLU G 89 1.92 -19.19 0.96
C GLU G 89 0.68 -19.93 1.47
N ASP G 90 -0.03 -19.34 2.46
CA ASP G 90 -1.20 -19.95 3.06
C ASP G 90 -2.46 -19.73 2.23
N THR G 91 -2.38 -18.89 1.20
CA THR G 91 -3.47 -18.71 0.26
C THR G 91 -3.88 -20.07 -0.30
N GLY G 92 -5.20 -20.27 -0.47
CA GLY G 92 -5.76 -21.49 -1.01
C GLY G 92 -7.14 -21.76 -0.43
N MET G 93 -7.82 -22.74 -1.04
CA MET G 93 -9.14 -23.17 -0.63
C MET G 93 -8.97 -24.21 0.49
N TYR G 94 -9.59 -23.95 1.64
CA TYR G 94 -9.43 -24.80 2.81
C TYR G 94 -10.68 -25.66 3.00
N TYR G 95 -10.46 -26.98 3.03
CA TYR G 95 -11.50 -27.96 3.30
C TYR G 95 -11.28 -28.60 4.67
N CYS G 96 -12.38 -29.01 5.31
CA CYS G 96 -12.36 -29.84 6.50
C CYS G 96 -12.96 -31.18 6.10
N ALA G 97 -12.45 -32.26 6.72
CA ALA G 97 -12.84 -33.62 6.38
C ALA G 97 -12.58 -34.53 7.58
N GLY G 98 -13.47 -35.51 7.77
CA GLY G 98 -13.36 -36.45 8.88
C GLY G 98 -14.14 -37.74 8.62
N GLY G 99 -14.19 -38.58 9.70
CA GLY G 99 -14.90 -39.84 9.65
C GLY G 99 -14.20 -40.90 10.52
N ASP G 100 -14.68 -42.15 10.36
CA ASP G 100 -14.15 -43.24 11.18
C ASP G 100 -13.16 -44.04 10.32
N TYR G 101 -12.35 -44.87 11.00
CA TYR G 101 -11.15 -45.45 10.42
C TYR G 101 -11.50 -46.49 9.34
N SER G 102 -12.77 -46.94 9.33
CA SER G 102 -13.27 -47.84 8.30
C SER G 102 -13.55 -47.09 6.98
N ASP G 103 -13.68 -45.76 7.04
CA ASP G 103 -14.01 -44.95 5.87
C ASP G 103 -12.76 -44.74 5.00
N ARG G 104 -12.94 -44.91 3.69
CA ARG G 104 -11.85 -44.81 2.73
C ARG G 104 -11.59 -43.35 2.39
N LEU G 105 -12.65 -42.59 2.09
CA LEU G 105 -12.58 -41.19 1.69
C LEU G 105 -12.95 -40.24 2.85
N GLY G 106 -14.05 -40.54 3.54
CA GLY G 106 -14.55 -39.70 4.61
C GLY G 106 -15.47 -38.60 4.12
N SER G 107 -16.07 -37.86 5.07
CA SER G 107 -16.92 -36.73 4.74
C SER G 107 -16.05 -35.51 4.53
N TRP G 108 -16.32 -34.73 3.48
CA TRP G 108 -15.61 -33.49 3.20
C TRP G 108 -16.67 -32.38 3.30
N GLY G 109 -16.31 -31.20 2.84
CA GLY G 109 -17.28 -30.12 2.66
C GLY G 109 -16.85 -29.26 1.49
N GLN G 110 -17.63 -28.24 1.17
CA GLN G 110 -17.46 -27.46 -0.05
C GLN G 110 -16.18 -26.61 0.02
N GLY G 111 -15.72 -26.27 1.24
CA GLY G 111 -14.48 -25.55 1.45
C GLY G 111 -14.70 -24.06 1.64
N THR G 112 -13.64 -23.35 2.08
CA THR G 112 -13.71 -21.91 2.33
C THR G 112 -12.39 -21.27 1.90
N GLN G 113 -12.50 -20.20 1.09
CA GLN G 113 -11.35 -19.58 0.44
C GLN G 113 -10.61 -18.67 1.43
N VAL G 114 -9.30 -18.88 1.55
CA VAL G 114 -8.42 -18.00 2.31
C VAL G 114 -7.44 -17.35 1.35
N THR G 115 -7.52 -16.01 1.20
CA THR G 115 -6.60 -15.25 0.37
C THR G 115 -5.80 -14.31 1.26
N VAL G 116 -4.46 -14.29 1.07
CA VAL G 116 -3.54 -13.53 1.88
C VAL G 116 -2.61 -12.72 0.97
N SER G 117 -2.73 -11.38 0.97
CA SER G 117 -2.04 -10.55 -0.01
C SER G 117 -1.00 -9.63 0.64
N SER G 118 0.09 -9.42 -0.13
CA SER G 118 1.37 -8.91 0.33
C SER G 118 1.42 -7.39 0.14
N VAL H 6 31.26 -5.21 15.52
CA VAL H 6 30.40 -4.25 14.78
C VAL H 6 29.32 -5.03 14.03
N GLU H 7 28.07 -4.64 14.31
CA GLU H 7 26.90 -5.24 13.68
C GLU H 7 26.60 -4.52 12.37
N SER H 8 25.92 -5.22 11.46
CA SER H 8 25.45 -4.66 10.20
C SER H 8 24.33 -5.53 9.65
N GLY H 9 23.79 -5.12 8.48
CA GLY H 9 22.86 -5.94 7.71
C GLY H 9 21.38 -5.58 7.97
N GLY H 10 21.14 -4.65 8.90
CA GLY H 10 19.81 -4.19 9.19
C GLY H 10 19.27 -3.26 8.10
N GLY H 11 18.00 -2.87 8.24
CA GLY H 11 17.32 -2.05 7.25
C GLY H 11 15.81 -2.04 7.44
N LEU H 12 15.11 -1.50 6.43
CA LEU H 12 13.65 -1.36 6.44
C LEU H 12 13.04 -2.35 5.44
N VAL H 13 12.18 -3.25 5.92
CA VAL H 13 11.62 -4.29 5.07
C VAL H 13 10.14 -4.47 5.42
N GLN H 14 9.34 -4.86 4.42
CA GLN H 14 7.90 -5.02 4.59
C GLN H 14 7.68 -6.31 5.39
N THR H 15 6.61 -6.33 6.18
CA THR H 15 6.21 -7.50 6.95
C THR H 15 6.26 -8.76 6.08
N GLY H 16 6.83 -9.83 6.62
CA GLY H 16 6.96 -11.10 5.91
C GLY H 16 8.30 -11.23 5.19
N GLY H 17 8.99 -10.10 4.99
CA GLY H 17 10.29 -10.09 4.33
C GLY H 17 11.38 -10.74 5.19
N SER H 18 12.61 -10.75 4.64
CA SER H 18 13.77 -11.28 5.34
C SER H 18 14.89 -10.24 5.31
N LEU H 19 15.83 -10.36 6.25
CA LEU H 19 17.17 -9.83 6.07
C LEU H 19 18.13 -10.63 6.95
N ARG H 20 19.45 -10.34 6.84
CA ARG H 20 20.45 -11.09 7.57
C ARG H 20 21.45 -10.15 8.23
N LEU H 21 21.61 -10.32 9.56
CA LEU H 21 22.52 -9.52 10.35
C LEU H 21 23.90 -10.17 10.39
N SER H 22 24.95 -9.34 10.37
CA SER H 22 26.33 -9.77 10.54
C SER H 22 26.94 -8.99 11.69
N CYS H 23 27.89 -9.61 12.40
CA CYS H 23 28.62 -8.97 13.49
C CYS H 23 30.03 -9.52 13.45
N THR H 24 30.99 -8.69 13.03
CA THR H 24 32.37 -9.13 12.87
C THR H 24 33.19 -8.73 14.09
N ALA H 25 34.19 -9.57 14.39
CA ALA H 25 34.95 -9.47 15.62
C ALA H 25 36.38 -9.01 15.32
N SER H 26 36.92 -8.17 16.22
CA SER H 26 38.31 -7.75 16.19
C SER H 26 39.21 -8.93 16.55
N GLY H 27 38.71 -9.85 17.38
CA GLY H 27 39.46 -11.05 17.78
C GLY H 27 38.95 -12.28 17.02
N SER H 28 39.59 -13.44 17.31
CA SER H 28 39.10 -14.72 16.80
C SER H 28 37.79 -15.07 17.48
N ILE H 29 36.75 -15.25 16.68
CA ILE H 29 35.38 -15.39 17.16
C ILE H 29 35.15 -16.79 17.69
N GLY H 30 35.83 -17.77 17.06
CA GLY H 30 35.67 -19.18 17.43
C GLY H 30 36.04 -19.48 18.88
N SER H 31 36.85 -18.58 19.48
CA SER H 31 37.38 -18.78 20.81
C SER H 31 36.63 -17.95 21.85
N ILE H 32 35.40 -17.51 21.54
CA ILE H 32 34.53 -16.85 22.50
C ILE H 32 33.47 -17.84 22.96
N SER H 33 33.33 -17.98 24.29
CA SER H 33 32.51 -19.00 24.92
C SER H 33 31.06 -18.86 24.47
N VAL H 34 30.48 -17.68 24.69
CA VAL H 34 29.07 -17.44 24.40
C VAL H 34 28.94 -16.15 23.59
N MET H 35 28.00 -16.15 22.64
CA MET H 35 27.65 -14.96 21.89
C MET H 35 26.14 -14.99 21.59
N GLY H 36 25.55 -13.82 21.32
CA GLY H 36 24.12 -13.76 21.04
C GLY H 36 23.63 -12.40 20.53
N TRP H 37 22.41 -12.39 20.02
CA TRP H 37 21.78 -11.21 19.45
C TRP H 37 20.65 -10.72 20.35
N TYR H 38 20.66 -9.42 20.67
CA TYR H 38 19.62 -8.83 21.50
C TYR H 38 18.86 -7.79 20.67
N ARG H 39 17.53 -7.79 20.85
CA ARG H 39 16.64 -6.78 20.30
C ARG H 39 16.31 -5.81 21.42
N GLN H 40 16.31 -4.50 21.13
CA GLN H 40 15.86 -3.52 22.09
C GLN H 40 15.04 -2.43 21.40
N VAL H 41 13.88 -2.12 22.00
CA VAL H 41 13.09 -0.96 21.64
C VAL H 41 13.05 -0.03 22.85
N PRO H 42 12.68 1.26 22.70
CA PRO H 42 12.51 2.16 23.85
C PRO H 42 11.59 1.59 24.94
N GLY H 43 12.09 1.61 26.18
CA GLY H 43 11.36 1.15 27.34
C GLY H 43 11.44 -0.36 27.59
N THR H 44 12.32 -1.05 26.85
CA THR H 44 12.48 -2.49 27.02
C THR H 44 13.97 -2.84 27.05
N GLN H 45 14.37 -3.57 28.11
CA GLN H 45 15.74 -4.02 28.30
C GLN H 45 16.13 -5.00 27.20
N TYR H 46 17.36 -4.88 26.70
CA TYR H 46 17.94 -5.83 25.76
C TYR H 46 17.31 -7.22 25.95
N GLU H 47 16.51 -7.66 24.97
CA GLU H 47 15.90 -8.97 24.99
C GLU H 47 16.75 -9.93 24.14
N LEU H 48 17.20 -11.04 24.73
CA LEU H 48 17.98 -12.02 23.98
C LEU H 48 17.06 -12.78 23.02
N VAL H 49 17.40 -12.66 21.73
CA VAL H 49 16.66 -13.25 20.62
C VAL H 49 17.21 -14.64 20.32
N ALA H 50 18.55 -14.75 20.29
CA ALA H 50 19.22 -15.99 19.95
C ALA H 50 20.64 -15.96 20.52
N GLY H 51 21.14 -17.13 20.92
CA GLY H 51 22.49 -17.29 21.47
C GLY H 51 23.20 -18.50 20.87
N ILE H 52 24.54 -18.49 20.95
CA ILE H 52 25.35 -19.58 20.43
C ILE H 52 26.59 -19.78 21.30
N SER H 53 26.81 -21.04 21.70
CA SER H 53 27.96 -21.44 22.48
C SER H 53 29.16 -21.65 21.55
N ARG H 54 30.36 -21.65 22.14
CA ARG H 54 31.61 -21.91 21.43
C ARG H 54 31.55 -23.29 20.76
N GLY H 55 30.86 -24.25 21.41
CA GLY H 55 30.70 -25.60 20.90
C GLY H 55 29.86 -25.64 19.62
N GLY H 56 28.86 -24.76 19.53
CA GLY H 56 27.93 -24.75 18.41
C GLY H 56 26.47 -24.84 18.87
N SER H 57 26.25 -24.97 20.18
CA SER H 57 24.90 -25.00 20.73
C SER H 57 24.22 -23.66 20.44
N THR H 58 22.92 -23.71 20.21
CA THR H 58 22.13 -22.52 19.90
C THR H 58 20.91 -22.45 20.82
N TRP H 59 20.48 -21.22 21.14
CA TRP H 59 19.23 -20.99 21.84
C TRP H 59 18.42 -19.93 21.10
N TYR H 60 17.07 -20.02 21.20
CA TYR H 60 16.16 -19.10 20.53
C TYR H 60 14.98 -18.75 21.44
N GLU H 61 14.67 -17.45 21.54
CA GLU H 61 13.41 -16.99 22.12
C GLU H 61 12.28 -17.69 21.37
N ASP H 62 11.13 -17.90 22.03
CA ASP H 62 10.06 -18.68 21.44
C ASP H 62 9.49 -17.95 20.22
N SER H 63 9.31 -16.63 20.35
CA SER H 63 8.74 -15.78 19.31
C SER H 63 9.40 -16.05 17.97
N VAL H 64 10.74 -16.23 17.99
CA VAL H 64 11.55 -16.22 16.79
C VAL H 64 11.90 -17.65 16.35
N LYS H 65 11.47 -18.68 17.11
CA LYS H 65 11.80 -20.06 16.79
C LYS H 65 11.26 -20.40 15.40
N GLY H 66 12.11 -21.02 14.57
CA GLY H 66 11.72 -21.47 13.24
C GLY H 66 11.85 -20.38 12.17
N ARG H 67 12.12 -19.13 12.58
CA ARG H 67 12.16 -17.97 11.69
C ARG H 67 13.58 -17.42 11.62
N PHE H 68 14.19 -17.20 12.79
CA PHE H 68 15.55 -16.70 12.89
C PHE H 68 16.53 -17.88 13.01
N THR H 69 17.78 -17.66 12.57
CA THR H 69 18.78 -18.71 12.54
C THR H 69 20.17 -18.10 12.77
N ILE H 70 20.67 -18.25 14.00
CA ILE H 70 22.00 -17.78 14.38
C ILE H 70 23.02 -18.78 13.87
N SER H 71 24.16 -18.26 13.41
CA SER H 71 25.27 -19.07 12.94
C SER H 71 26.58 -18.28 13.06
N ARG H 72 27.70 -19.00 12.96
CA ARG H 72 29.02 -18.38 13.05
C ARG H 72 29.93 -18.97 11.97
N ASP H 73 30.79 -18.10 11.42
CA ASP H 73 31.81 -18.49 10.44
C ASP H 73 33.15 -18.07 11.02
N ASN H 74 33.78 -18.98 11.78
CA ASN H 74 35.02 -18.71 12.50
C ASN H 74 36.13 -18.39 11.51
N ALA H 75 36.03 -18.97 10.30
CA ALA H 75 36.91 -18.64 9.19
C ALA H 75 36.95 -17.13 8.97
N LYS H 76 35.77 -16.53 8.79
CA LYS H 76 35.64 -15.12 8.43
C LYS H 76 35.32 -14.26 9.65
N ASN H 77 35.52 -14.81 10.87
CA ASN H 77 35.35 -14.12 12.14
C ASN H 77 34.05 -13.30 12.17
N THR H 78 32.92 -13.93 11.77
CA THR H 78 31.64 -13.24 11.66
C THR H 78 30.50 -14.09 12.22
N LEU H 79 29.58 -13.42 12.93
CA LEU H 79 28.37 -14.02 13.48
C LEU H 79 27.17 -13.47 12.70
N TYR H 80 26.19 -14.34 12.44
CA TYR H 80 25.06 -14.02 11.58
C TYR H 80 23.75 -14.26 12.32
N LEU H 81 22.71 -13.51 11.95
CA LEU H 81 21.33 -13.84 12.30
C LEU H 81 20.45 -13.73 11.06
N GLN H 82 20.08 -14.90 10.51
CA GLN H 82 19.20 -14.95 9.34
C GLN H 82 17.75 -14.85 9.81
N MET H 83 17.11 -13.72 9.48
CA MET H 83 15.77 -13.38 9.94
C MET H 83 14.76 -13.56 8.81
N ASN H 84 13.77 -14.45 9.00
CA ASN H 84 12.75 -14.70 7.99
C ASN H 84 11.34 -14.43 8.55
N SER H 85 10.40 -14.19 7.63
CA SER H 85 8.99 -14.04 7.95
C SER H 85 8.82 -12.96 9.02
N LEU H 86 9.44 -11.80 8.76
CA LEU H 86 9.56 -10.75 9.76
C LEU H 86 8.19 -10.16 10.09
N LYS H 87 7.92 -10.01 11.38
CA LYS H 87 6.74 -9.32 11.88
C LYS H 87 7.14 -7.90 12.26
N PRO H 88 6.17 -6.97 12.42
CA PRO H 88 6.43 -5.68 13.05
C PRO H 88 6.95 -5.78 14.49
N GLU H 89 6.55 -6.85 15.20
CA GLU H 89 7.03 -7.16 16.54
C GLU H 89 8.55 -7.25 16.58
N ASP H 90 9.18 -7.61 15.45
CA ASP H 90 10.61 -7.80 15.37
C ASP H 90 11.35 -6.47 15.15
N THR H 91 10.60 -5.39 14.92
CA THR H 91 11.19 -4.06 14.84
C THR H 91 11.99 -3.79 16.12
N GLY H 92 13.14 -3.13 15.96
CA GLY H 92 13.99 -2.75 17.06
C GLY H 92 15.45 -2.68 16.65
N MET H 93 16.27 -2.13 17.56
CA MET H 93 17.70 -2.04 17.37
C MET H 93 18.33 -3.35 17.84
N TYR H 94 19.07 -4.01 16.94
CA TYR H 94 19.65 -5.31 17.21
C TYR H 94 21.14 -5.16 17.50
N TYR H 95 21.53 -5.66 18.69
CA TYR H 95 22.91 -5.72 19.13
C TYR H 95 23.38 -7.17 19.13
N CYS H 96 24.70 -7.36 18.93
CA CYS H 96 25.39 -8.63 19.09
C CYS H 96 25.74 -8.93 20.55
N ALA H 97 27.02 -9.17 20.86
CA ALA H 97 27.56 -9.24 22.22
C ALA H 97 28.00 -10.67 22.55
N GLY H 98 29.18 -10.78 23.17
CA GLY H 98 29.70 -12.05 23.62
C GLY H 98 31.09 -11.92 24.28
N GLY H 99 31.40 -12.97 25.08
CA GLY H 99 32.70 -13.06 25.75
C GLY H 99 32.91 -14.45 26.34
N ASP H 100 33.92 -14.57 27.23
CA ASP H 100 34.20 -15.82 27.92
C ASP H 100 33.61 -15.76 29.33
N TYR H 101 33.56 -16.91 30.01
CA TYR H 101 32.68 -17.07 31.17
C TYR H 101 33.17 -16.28 32.38
N SER H 102 34.42 -15.82 32.32
CA SER H 102 34.99 -14.93 33.34
C SER H 102 34.47 -13.49 33.17
N ASP H 103 33.93 -13.14 31.98
CA ASP H 103 33.47 -11.79 31.69
C ASP H 103 32.12 -11.52 32.35
N ARG H 104 32.01 -10.33 32.95
CA ARG H 104 30.80 -9.86 33.60
C ARG H 104 29.79 -9.35 32.54
N LEU H 105 30.27 -8.50 31.63
CA LEU H 105 29.43 -7.79 30.66
C LEU H 105 29.54 -8.42 29.26
N GLY H 106 30.77 -8.68 28.82
CA GLY H 106 31.05 -9.06 27.45
C GLY H 106 31.33 -7.82 26.61
N SER H 107 31.86 -8.04 25.38
CA SER H 107 31.97 -6.99 24.38
C SER H 107 30.62 -6.87 23.67
N TRP H 108 30.18 -5.63 23.42
CA TRP H 108 28.92 -5.37 22.74
C TRP H 108 29.19 -4.84 21.34
N GLY H 109 28.31 -4.00 20.82
CA GLY H 109 28.59 -3.26 19.60
C GLY H 109 27.52 -2.20 19.45
N GLN H 110 27.67 -1.31 18.46
CA GLN H 110 26.82 -0.12 18.35
C GLN H 110 25.38 -0.50 17.98
N GLY H 111 25.20 -1.65 17.31
CA GLY H 111 23.88 -2.17 16.97
C GLY H 111 23.48 -1.82 15.53
N THR H 112 22.39 -2.45 15.05
CA THR H 112 21.91 -2.26 13.69
C THR H 112 20.37 -2.27 13.71
N GLN H 113 19.77 -1.24 13.08
CA GLN H 113 18.34 -1.01 13.18
C GLN H 113 17.60 -1.91 12.19
N VAL H 114 16.60 -2.63 12.71
CA VAL H 114 15.68 -3.43 11.90
C VAL H 114 14.29 -2.85 12.04
N THR H 115 13.72 -2.32 10.94
CA THR H 115 12.36 -1.80 10.93
C THR H 115 11.52 -2.67 9.99
N VAL H 116 10.32 -3.07 10.45
CA VAL H 116 9.43 -3.97 9.72
C VAL H 116 8.03 -3.38 9.71
N SER H 117 7.52 -2.94 8.53
CA SER H 117 6.30 -2.18 8.47
C SER H 117 5.19 -2.92 7.70
N SER H 118 3.96 -2.69 8.20
CA SER H 118 2.72 -3.33 7.80
C SER H 118 1.55 -2.38 8.03
N LYS I 36 -11.89 -16.89 -12.01
CA LYS I 36 -12.71 -18.13 -12.20
C LYS I 36 -13.08 -18.27 -13.67
N GLU I 37 -13.04 -19.52 -14.14
CA GLU I 37 -13.29 -19.86 -15.52
C GLU I 37 -14.73 -19.51 -15.88
N ASP I 38 -15.66 -19.95 -15.02
CA ASP I 38 -17.10 -19.82 -15.23
C ASP I 38 -17.50 -18.37 -15.08
N ALA I 39 -16.71 -17.62 -14.29
CA ALA I 39 -16.92 -16.18 -14.10
C ALA I 39 -16.67 -15.43 -15.40
N PHE I 40 -15.51 -15.72 -16.04
CA PHE I 40 -15.16 -15.09 -17.31
C PHE I 40 -16.13 -15.54 -18.40
N SER I 41 -16.54 -16.82 -18.35
CA SER I 41 -17.50 -17.38 -19.28
C SER I 41 -18.77 -16.53 -19.30
N LYS I 42 -19.25 -16.13 -18.13
CA LYS I 42 -20.49 -15.36 -18.02
C LYS I 42 -20.33 -13.98 -18.66
N LEU I 43 -19.09 -13.46 -18.69
CA LEU I 43 -18.83 -12.19 -19.38
C LEU I 43 -18.86 -12.40 -20.90
N LYS I 44 -18.26 -13.50 -21.36
CA LYS I 44 -18.24 -13.84 -22.77
C LYS I 44 -19.67 -14.03 -23.28
N GLU I 45 -20.48 -14.75 -22.49
CA GLU I 45 -21.88 -15.03 -22.79
C GLU I 45 -22.64 -13.75 -23.14
N LYS I 46 -22.33 -12.64 -22.48
CA LYS I 46 -23.08 -11.41 -22.70
C LYS I 46 -22.86 -10.89 -24.12
N PHE I 47 -21.79 -11.32 -24.79
CA PHE I 47 -21.41 -10.74 -26.07
C PHE I 47 -21.10 -11.80 -27.13
N MET I 48 -21.49 -13.08 -26.91
CA MET I 48 -21.21 -14.15 -27.85
C MET I 48 -21.73 -13.76 -29.24
N ASN I 49 -22.97 -13.24 -29.25
CA ASN I 49 -23.71 -12.74 -30.40
C ASN I 49 -23.04 -11.54 -31.09
N GLU I 50 -21.71 -11.39 -31.02
CA GLU I 50 -21.06 -10.25 -31.63
C GLU I 50 -19.73 -10.62 -32.30
N LEU I 51 -19.48 -11.91 -32.51
CA LEU I 51 -18.14 -12.39 -32.84
C LEU I 51 -17.65 -11.78 -34.17
N HIS I 52 -18.54 -11.69 -35.19
CA HIS I 52 -18.23 -11.01 -36.44
C HIS I 52 -19.46 -10.27 -37.00
N LYS J 36 14.07 10.42 16.24
CA LYS J 36 15.25 10.60 17.14
C LYS J 36 15.18 11.97 17.80
N GLU J 37 15.55 11.99 19.09
CA GLU J 37 15.51 13.18 19.92
C GLU J 37 16.49 14.22 19.37
N ASP J 38 17.72 13.75 19.12
CA ASP J 38 18.83 14.58 18.69
C ASP J 38 18.60 15.06 17.27
N ALA J 39 17.83 14.28 16.50
CA ALA J 39 17.45 14.63 15.14
C ALA J 39 16.53 15.86 15.14
N PHE J 40 15.49 15.81 15.99
CA PHE J 40 14.56 16.92 16.12
C PHE J 40 15.27 18.14 16.71
N SER J 41 16.18 17.89 17.66
CA SER J 41 16.98 18.94 18.28
C SER J 41 17.70 19.76 17.21
N LYS J 42 18.28 19.08 16.21
CA LYS J 42 19.04 19.75 15.16
C LYS J 42 18.13 20.64 14.32
N LEU J 43 16.84 20.29 14.23
CA LEU J 43 15.86 21.13 13.53
C LEU J 43 15.54 22.37 14.37
N LYS J 44 15.38 22.18 15.68
CA LYS J 44 15.09 23.28 16.60
C LYS J 44 16.27 24.26 16.59
N GLU J 45 17.50 23.74 16.61
CA GLU J 45 18.72 24.52 16.59
C GLU J 45 18.72 25.53 15.44
N LYS J 46 18.16 25.16 14.30
CA LYS J 46 18.19 26.04 13.13
C LYS J 46 17.37 27.32 13.39
N PHE J 47 16.47 27.28 14.37
CA PHE J 47 15.54 28.38 14.57
C PHE J 47 15.47 28.85 16.02
N MET J 48 16.39 28.42 16.91
CA MET J 48 16.31 28.72 18.33
C MET J 48 16.17 30.23 18.53
N ASN J 49 17.06 30.96 17.84
CA ASN J 49 17.18 32.41 17.97
C ASN J 49 16.04 33.11 17.23
N GLU J 50 14.83 32.53 17.26
CA GLU J 50 13.71 33.11 16.53
C GLU J 50 12.43 33.06 17.36
N LEU J 51 12.38 32.30 18.46
CA LEU J 51 11.22 32.41 19.34
C LEU J 51 11.27 33.78 20.02
N HIS J 52 10.08 34.32 20.35
CA HIS J 52 9.90 35.70 20.80
C HIS J 52 10.81 36.65 20.02
N GLU K 34 8.21 -2.13 -20.82
CA GLU K 34 8.57 -1.42 -22.07
C GLU K 34 9.00 -2.43 -23.14
N GLY K 35 10.17 -3.06 -22.95
CA GLY K 35 10.64 -4.13 -23.84
C GLY K 35 10.51 -5.50 -23.20
N LYS K 36 9.27 -5.90 -22.95
CA LYS K 36 8.98 -7.09 -22.15
C LYS K 36 9.25 -8.35 -22.96
N GLU K 37 9.04 -8.29 -24.29
CA GLU K 37 9.07 -9.47 -25.15
C GLU K 37 10.49 -10.04 -25.17
N ASP K 38 11.45 -9.13 -25.40
CA ASP K 38 12.85 -9.47 -25.57
C ASP K 38 13.44 -9.91 -24.24
N ALA K 39 12.83 -9.42 -23.13
CA ALA K 39 13.22 -9.79 -21.78
C ALA K 39 12.89 -11.25 -21.52
N PHE K 40 11.65 -11.65 -21.85
CA PHE K 40 11.22 -13.03 -21.68
C PHE K 40 12.00 -13.95 -22.62
N SER K 41 12.26 -13.46 -23.84
CA SER K 41 13.04 -14.18 -24.83
C SER K 41 14.37 -14.62 -24.22
N LYS K 42 15.04 -13.71 -23.51
CA LYS K 42 16.37 -13.98 -22.95
C LYS K 42 16.28 -15.07 -21.88
N LEU K 43 15.12 -15.18 -21.21
CA LEU K 43 14.92 -16.23 -20.23
C LEU K 43 14.73 -17.58 -20.93
N LYS K 44 13.95 -17.58 -22.03
CA LYS K 44 13.73 -18.78 -22.81
C LYS K 44 15.05 -19.28 -23.39
N GLU K 45 15.86 -18.35 -23.91
CA GLU K 45 17.16 -18.65 -24.50
C GLU K 45 18.02 -19.49 -23.55
N LYS K 46 17.93 -19.24 -22.24
CA LYS K 46 18.78 -19.95 -21.29
C LYS K 46 18.46 -21.45 -21.27
N PHE K 47 17.26 -21.83 -21.75
CA PHE K 47 16.81 -23.20 -21.60
C PHE K 47 16.25 -23.78 -22.91
N MET K 48 16.45 -23.13 -24.08
CA MET K 48 15.87 -23.66 -25.31
C MET K 48 16.40 -25.08 -25.56
N ASN K 49 15.55 -26.09 -25.26
CA ASN K 49 15.87 -27.48 -25.48
C ASN K 49 14.61 -28.20 -25.99
N LYS L 36 -10.10 12.18 17.81
CA LYS L 36 -11.14 13.06 18.40
C LYS L 36 -10.91 13.19 19.89
N GLU L 37 -11.12 14.42 20.39
CA GLU L 37 -10.90 14.77 21.79
C GLU L 37 -11.86 13.98 22.67
N ASP L 38 -13.15 14.02 22.27
CA ASP L 38 -14.24 13.43 23.03
C ASP L 38 -14.14 11.91 22.98
N ALA L 39 -13.53 11.41 21.90
CA ALA L 39 -13.30 9.98 21.72
C ALA L 39 -12.30 9.47 22.75
N PHE L 40 -11.17 10.19 22.88
CA PHE L 40 -10.15 9.82 23.85
C PHE L 40 -10.67 10.00 25.27
N SER L 41 -11.47 11.06 25.47
CA SER L 41 -12.10 11.33 26.76
C SER L 41 -12.86 10.10 27.24
N LYS L 42 -13.63 9.47 26.34
CA LYS L 42 -14.47 8.34 26.68
C LYS L 42 -13.62 7.14 27.10
N LEU L 43 -12.38 7.05 26.58
CA LEU L 43 -11.46 6.01 26.97
C LEU L 43 -10.92 6.29 28.39
N LYS L 44 -10.59 7.55 28.65
CA LYS L 44 -10.09 7.96 29.96
C LYS L 44 -11.17 7.71 31.01
N GLU L 45 -12.41 8.07 30.69
CA GLU L 45 -13.56 7.90 31.57
C GLU L 45 -13.66 6.48 32.11
N LYS L 46 -13.31 5.49 31.28
CA LYS L 46 -13.46 4.10 31.69
C LYS L 46 -12.52 3.77 32.85
N PHE L 47 -11.46 4.57 33.05
CA PHE L 47 -10.42 4.23 34.00
C PHE L 47 -10.05 5.41 34.92
N MET L 48 -10.89 6.47 34.99
CA MET L 48 -10.61 7.61 35.83
C MET L 48 -10.39 7.15 37.27
N ASN L 49 -11.34 6.35 37.79
CA ASN L 49 -11.23 5.73 39.11
C ASN L 49 -10.47 4.41 38.95
N LYS M 36 5.15 9.20 -36.83
CA LYS M 36 5.96 10.32 -36.27
C LYS M 36 5.66 11.61 -37.02
N GLU M 37 5.37 11.52 -38.32
CA GLU M 37 5.14 12.67 -39.17
C GLU M 37 3.89 13.42 -38.71
N ASP M 38 2.82 12.64 -38.51
CA ASP M 38 1.49 13.15 -38.15
C ASP M 38 1.52 13.68 -36.73
N ALA M 39 2.43 13.12 -35.91
CA ALA M 39 2.64 13.57 -34.54
C ALA M 39 3.21 14.98 -34.51
N PHE M 40 4.26 15.21 -35.32
CA PHE M 40 4.88 16.53 -35.42
C PHE M 40 3.90 17.52 -36.05
N SER M 41 3.13 17.06 -37.04
CA SER M 41 2.11 17.87 -37.68
C SER M 41 1.18 18.48 -36.64
N LYS M 42 0.74 17.65 -35.67
CA LYS M 42 -0.21 18.09 -34.65
C LYS M 42 0.42 19.16 -33.75
N LEU M 43 1.74 19.14 -33.61
CA LEU M 43 2.45 20.15 -32.84
C LEU M 43 2.51 21.46 -33.63
N LYS M 44 2.77 21.37 -34.93
CA LYS M 44 2.80 22.54 -35.80
C LYS M 44 1.43 23.20 -35.81
N GLU M 45 0.37 22.38 -35.93
CA GLU M 45 -1.02 22.84 -35.94
C GLU M 45 -1.31 23.78 -34.77
N LYS M 46 -0.73 23.50 -33.59
CA LYS M 46 -1.03 24.28 -32.41
C LYS M 46 -0.53 25.72 -32.56
N PHE M 47 0.42 25.97 -33.48
CA PHE M 47 1.08 27.25 -33.57
C PHE M 47 1.16 27.77 -35.01
N MET M 48 0.34 27.24 -35.93
CA MET M 48 0.37 27.67 -37.33
C MET M 48 0.18 29.18 -37.39
N ASN M 49 -0.78 29.66 -36.60
CA ASN M 49 -1.10 31.08 -36.44
C ASN M 49 0.00 31.85 -35.69
N GLU M 50 0.70 31.18 -34.76
CA GLU M 50 1.80 31.78 -34.00
C GLU M 50 3.16 31.30 -34.55
N LYS N 36 -20.83 30.36 8.80
CA LYS N 36 -20.11 31.64 9.03
C LYS N 36 -20.63 32.71 8.07
N GLU N 37 -20.74 33.93 8.59
CA GLU N 37 -21.27 35.07 7.87
C GLU N 37 -20.37 35.40 6.68
N ASP N 38 -19.06 35.48 6.97
CA ASP N 38 -18.05 35.88 5.99
C ASP N 38 -17.88 34.77 4.95
N ALA N 39 -18.18 33.53 5.36
CA ALA N 39 -18.12 32.37 4.49
C ALA N 39 -19.21 32.47 3.41
N PHE N 40 -20.44 32.77 3.83
CA PHE N 40 -21.56 32.94 2.92
C PHE N 40 -21.34 34.16 2.03
N SER N 41 -20.78 35.23 2.62
CA SER N 41 -20.46 36.45 1.90
C SER N 41 -19.60 36.13 0.67
N LYS N 42 -18.59 35.27 0.86
CA LYS N 42 -17.66 34.93 -0.21
C LYS N 42 -18.36 34.17 -1.32
N LEU N 43 -19.45 33.45 -1.00
CA LEU N 43 -20.24 32.76 -2.00
C LEU N 43 -21.08 33.76 -2.78
N LYS N 44 -21.66 34.75 -2.08
CA LYS N 44 -22.45 35.80 -2.72
C LYS N 44 -21.58 36.59 -3.67
N GLU N 45 -20.36 36.93 -3.21
CA GLU N 45 -19.38 37.68 -3.99
C GLU N 45 -19.17 37.07 -5.37
N LYS N 46 -19.18 35.73 -5.46
CA LYS N 46 -18.90 35.07 -6.72
C LYS N 46 -19.97 35.37 -7.76
N PHE N 47 -21.17 35.81 -7.32
CA PHE N 47 -22.30 35.95 -8.22
C PHE N 47 -23.03 37.29 -8.05
N MET N 48 -22.40 38.28 -7.41
CA MET N 48 -23.03 39.57 -7.16
C MET N 48 -23.59 40.15 -8.46
N ASN N 49 -22.75 40.18 -9.50
CA ASN N 49 -23.10 40.54 -10.87
C ASN N 49 -23.97 39.45 -11.52
N GLU O 37 -10.33 -39.73 -0.74
CA GLU O 37 -9.07 -39.50 -1.54
C GLU O 37 -7.92 -40.26 -0.88
N ASP O 38 -6.74 -40.23 -1.55
CA ASP O 38 -5.43 -40.52 -0.96
C ASP O 38 -5.09 -39.50 0.13
N ALA O 39 -5.69 -38.31 0.00
CA ALA O 39 -5.68 -37.24 0.98
C ALA O 39 -6.14 -37.69 2.36
N PHE O 40 -7.27 -38.40 2.44
CA PHE O 40 -7.81 -38.86 3.71
C PHE O 40 -6.88 -39.91 4.33
N SER O 41 -6.33 -40.78 3.48
CA SER O 41 -5.41 -41.82 3.95
C SER O 41 -4.23 -41.16 4.69
N LYS O 42 -3.71 -40.08 4.10
CA LYS O 42 -2.54 -39.39 4.65
C LYS O 42 -2.88 -38.75 5.99
N LEU O 43 -4.16 -38.42 6.21
CA LEU O 43 -4.61 -37.88 7.49
C LEU O 43 -4.67 -38.99 8.53
N LYS O 44 -5.17 -40.17 8.12
CA LYS O 44 -5.24 -41.32 9.01
C LYS O 44 -3.84 -41.73 9.43
N GLU O 45 -2.90 -41.76 8.46
CA GLU O 45 -1.51 -42.11 8.69
C GLU O 45 -0.91 -41.33 9.86
N LYS O 46 -1.28 -40.04 9.99
CA LYS O 46 -0.69 -39.19 10.99
C LYS O 46 -1.06 -39.65 12.39
N PHE O 47 -2.12 -40.48 12.53
CA PHE O 47 -2.66 -40.82 13.83
C PHE O 47 -2.93 -42.34 13.95
N MET O 48 -2.01 -43.13 13.38
CA MET O 48 -2.16 -44.57 13.22
C MET O 48 -2.74 -45.25 14.45
N ASN O 49 -2.19 -44.99 15.66
CA ASN O 49 -2.69 -45.57 16.91
C ASN O 49 -3.89 -44.75 17.43
N LYS P 36 23.83 -4.08 29.73
CA LYS P 36 23.16 -4.39 31.01
C LYS P 36 23.71 -5.70 31.57
N GLU P 37 23.86 -5.72 32.90
CA GLU P 37 24.42 -6.84 33.64
C GLU P 37 23.49 -8.05 33.49
N ASP P 38 22.19 -7.79 33.73
CA ASP P 38 21.15 -8.82 33.75
C ASP P 38 20.91 -9.32 32.34
N ALA P 39 21.20 -8.47 31.34
CA ALA P 39 21.09 -8.82 29.94
C ALA P 39 22.13 -9.88 29.57
N PHE P 40 23.39 -9.63 29.96
CA PHE P 40 24.47 -10.57 29.71
C PHE P 40 24.25 -11.87 30.49
N SER P 41 23.74 -11.72 31.73
CA SER P 41 23.41 -12.85 32.58
C SER P 41 22.49 -13.82 31.84
N LYS P 42 21.47 -13.29 31.17
CA LYS P 42 20.47 -14.11 30.48
C LYS P 42 21.11 -14.87 29.31
N LEU P 43 22.19 -14.32 28.74
CA LEU P 43 22.94 -15.00 27.69
C LEU P 43 23.74 -16.16 28.28
N LYS P 44 24.39 -15.91 29.44
CA LYS P 44 25.15 -16.93 30.13
C LYS P 44 24.24 -18.09 30.53
N GLU P 45 23.06 -17.74 31.07
CA GLU P 45 22.06 -18.70 31.50
C GLU P 45 21.75 -19.73 30.41
N LYS P 46 21.74 -19.31 29.15
CA LYS P 46 21.36 -20.19 28.05
C LYS P 46 22.39 -21.32 27.90
N PHE P 47 23.61 -21.14 28.43
CA PHE P 47 24.69 -22.09 28.18
C PHE P 47 25.42 -22.49 29.46
N MET P 48 24.86 -22.22 30.65
CA MET P 48 25.51 -22.55 31.91
C MET P 48 25.88 -24.03 31.93
N ASN P 49 24.91 -24.89 31.61
CA ASN P 49 25.07 -26.35 31.57
C ASN P 49 26.55 -26.74 31.33
#